data_7CJT
#
_entry.id   7CJT
#
_cell.length_a   83.335
_cell.length_b   69.214
_cell.length_c   110.124
_cell.angle_alpha   90.000
_cell.angle_beta   98.930
_cell.angle_gamma   90.000
#
_symmetry.space_group_name_H-M   'P 1 21 1'
#
loop_
_entity.id
_entity.type
_entity.pdbx_description
1 polymer 'Histone-lysine N-methyltransferase SETDB1'
2 non-polymer 2-[[(3~{R},5~{R})-1-methyl-5-(4-phenylmethoxyphenyl)piperidin-3-yl]amino]-3-prop-2-enyl-5~{H}-pyrrolo[3,2-d]pyrimidin-4-one
3 water water
#
_entity_poly.entity_id   1
_entity_poly.type   'polypeptide(L)'
_entity_poly.pdbx_seq_one_letter_code
;GSSHHHHHHSSGENLYFQGGELSKDGDLIVSMRILGKKRTKTWHKGTLIAIQTVGPGKKYKVKFDNKGKSLLSGNHIAYD
YHPPADKLYVGSRVVAKYKDGNQVWLYAGIVAETPNVKNKLRFLIFFDDGYASYVTQSELYPICRPLKKTWEDIEDISCR
DFIEEYVTAYPNRPMVLLKSGQLIKTEWEGTWWKSRVEEVDGSLVRILFLDDKRCEWIYRGSTRLEPMFSMKTSSASALE
;
_entity_poly.pdbx_strand_id   D,A,B,C
#
loop_
_chem_comp.id
_chem_comp.type
_chem_comp.name
_chem_comp.formula
G09 non-polymer 2-[[(3~{R},5~{R})-1-methyl-5-(4-phenylmethoxyphenyl)piperidin-3-yl]amino]-3-prop-2-enyl-5~{H}-pyrrolo[3,2-d]pyrimidin-4-one 'C28 H31 N5 O2'
#
# COMPACT_ATOMS: atom_id res chain seq x y z
N LEU A 22 -26.91 27.74 1.15
CA LEU A 22 -25.78 27.43 2.04
C LEU A 22 -24.71 26.49 1.41
N SER A 23 -23.43 26.58 1.88
CA SER A 23 -22.40 25.57 1.60
C SER A 23 -21.77 24.92 2.84
N LYS A 24 -22.04 25.41 4.06
CA LYS A 24 -21.74 24.71 5.31
C LYS A 24 -22.95 24.70 6.26
N ASP A 25 -23.05 23.65 7.07
CA ASP A 25 -23.88 23.64 8.29
C ASP A 25 -22.98 22.95 9.32
N GLY A 26 -22.25 23.74 10.09
CA GLY A 26 -21.35 23.13 11.07
C GLY A 26 -20.35 22.24 10.36
N ASP A 27 -20.17 21.03 10.87
CA ASP A 27 -19.18 20.18 10.22
C ASP A 27 -19.68 19.57 8.93
N LEU A 28 -20.80 20.02 8.39
CA LEU A 28 -21.35 19.43 7.16
C LEU A 28 -21.07 20.35 5.99
N ILE A 29 -20.34 19.85 5.04
CA ILE A 29 -19.76 20.72 4.04
C ILE A 29 -19.89 20.03 2.67
N VAL A 30 -20.42 20.75 1.71
CA VAL A 30 -20.70 20.15 0.44
C VAL A 30 -19.45 19.54 -0.19
N SER A 31 -19.64 18.40 -0.84
CA SER A 31 -18.68 17.50 -1.49
C SER A 31 -18.18 16.37 -0.61
N MET A 32 -18.44 16.41 0.70
CA MET A 32 -17.90 15.33 1.50
C MET A 32 -18.72 14.09 1.32
N ARG A 33 -18.23 13.00 1.89
CA ARG A 33 -18.89 11.72 1.84
C ARG A 33 -19.79 11.55 3.03
N ILE A 34 -20.87 10.81 2.79
CA ILE A 34 -22.00 10.83 3.69
C ILE A 34 -22.76 9.56 3.47
N LEU A 35 -23.47 9.11 4.50
CA LEU A 35 -24.52 8.12 4.36
C LEU A 35 -25.90 8.77 4.26
N GLY A 36 -26.74 8.16 3.45
CA GLY A 36 -28.06 8.67 3.27
C GLY A 36 -29.06 7.51 3.39
N LYS A 37 -30.28 7.89 3.71
CA LYS A 37 -31.33 6.93 3.96
C LYS A 37 -32.26 6.88 2.78
N LYS A 38 -32.49 5.68 2.27
CA LYS A 38 -33.35 5.53 1.12
C LYS A 38 -34.78 5.14 1.50
N ARG A 39 -35.69 5.27 0.52
CA ARG A 39 -37.10 4.92 0.74
C ARG A 39 -37.24 3.49 1.25
N THR A 40 -36.28 2.60 0.98
CA THR A 40 -36.34 1.21 1.48
C THR A 40 -35.97 1.08 2.96
N LYS A 41 -35.61 2.17 3.66
CA LYS A 41 -35.12 2.19 5.04
C LYS A 41 -33.64 1.79 5.25
N THR A 42 -32.98 1.16 4.27
CA THR A 42 -31.53 0.94 4.29
C THR A 42 -30.75 2.15 3.77
N TRP A 43 -29.53 2.34 4.29
CA TRP A 43 -28.70 3.53 4.09
C TRP A 43 -27.54 3.21 3.16
N HIS A 44 -27.07 4.21 2.40
CA HIS A 44 -26.05 3.93 1.39
C HIS A 44 -25.08 5.07 1.24
N LYS A 45 -23.81 4.75 0.94
CA LYS A 45 -22.83 5.82 0.78
C LYS A 45 -23.16 6.65 -0.43
N GLY A 46 -22.76 7.91 -0.36
CA GLY A 46 -23.11 8.92 -1.34
C GLY A 46 -22.34 10.16 -0.97
N THR A 47 -22.46 11.17 -1.82
CA THR A 47 -21.86 12.46 -1.58
C THR A 47 -22.90 13.55 -1.36
N LEU A 48 -22.66 14.35 -0.34
CA LEU A 48 -23.45 15.54 -0.05
C LEU A 48 -23.20 16.60 -1.12
N ILE A 49 -24.17 16.93 -1.95
CA ILE A 49 -23.97 17.86 -3.06
C ILE A 49 -24.77 19.13 -2.90
N ALA A 50 -25.54 19.27 -1.84
CA ALA A 50 -26.11 20.58 -1.63
C ALA A 50 -26.70 20.67 -0.23
N ILE A 51 -26.76 21.88 0.27
CA ILE A 51 -27.37 22.19 1.55
C ILE A 51 -28.26 23.39 1.34
N GLN A 52 -29.52 23.26 1.68
CA GLN A 52 -30.47 24.33 1.40
C GLN A 52 -31.33 24.57 2.62
N THR A 53 -31.27 25.77 3.15
CA THR A 53 -32.25 26.15 4.12
C THR A 53 -33.61 25.96 3.49
N VAL A 54 -34.51 25.28 4.22
CA VAL A 54 -35.93 25.21 3.88
C VAL A 54 -36.78 25.02 5.13
N GLY A 55 -37.67 25.94 5.35
CA GLY A 55 -38.51 25.92 6.51
C GLY A 55 -37.75 26.42 7.71
N PRO A 56 -38.07 25.87 8.88
CA PRO A 56 -37.29 26.17 10.08
C PRO A 56 -35.95 25.49 10.09
N GLY A 57 -35.71 24.58 9.15
CA GLY A 57 -34.50 23.79 9.19
C GLY A 57 -33.76 23.76 7.89
N LYS A 58 -33.01 22.69 7.65
CA LYS A 58 -32.24 22.52 6.42
C LYS A 58 -32.48 21.13 5.89
N LYS A 59 -32.25 21.00 4.61
CA LYS A 59 -32.43 19.76 3.87
C LYS A 59 -31.10 19.54 3.15
N TYR A 60 -30.79 18.30 2.77
CA TYR A 60 -29.41 17.93 2.48
C TYR A 60 -29.39 17.03 1.26
N LYS A 61 -28.93 17.52 0.13
CA LYS A 61 -29.08 16.76 -1.10
C LYS A 61 -27.91 15.79 -1.25
N VAL A 62 -28.21 14.51 -1.42
CA VAL A 62 -27.21 13.44 -1.49
C VAL A 62 -27.28 12.79 -2.87
N LYS A 63 -26.13 12.61 -3.54
CA LYS A 63 -26.10 11.87 -4.80
C LYS A 63 -25.45 10.53 -4.53
N PHE A 64 -26.23 9.48 -4.63
CA PHE A 64 -25.69 8.23 -4.18
C PHE A 64 -24.75 7.66 -5.21
N ASP A 65 -23.94 6.73 -4.73
CA ASP A 65 -23.00 6.10 -5.63
C ASP A 65 -23.71 5.34 -6.75
N ASN A 66 -24.88 4.71 -6.48
CA ASN A 66 -25.68 4.10 -7.56
C ASN A 66 -26.48 5.14 -8.34
N LYS A 67 -25.81 6.25 -8.68
CA LYS A 67 -26.23 7.38 -9.51
C LYS A 67 -27.48 8.14 -9.03
N GLY A 68 -28.24 7.61 -7.98
CA GLY A 68 -29.53 8.19 -7.58
C GLY A 68 -29.38 9.47 -6.73
N LYS A 69 -30.51 10.10 -6.39
CA LYS A 69 -30.46 11.34 -5.60
C LYS A 69 -31.68 11.47 -4.71
N SER A 70 -31.52 12.22 -3.61
CA SER A 70 -32.54 12.36 -2.59
C SER A 70 -32.27 13.59 -1.75
N LEU A 71 -33.32 14.17 -1.20
CA LEU A 71 -33.21 15.41 -0.42
C LEU A 71 -33.63 15.12 1.02
N LEU A 72 -32.65 14.95 1.90
CA LEU A 72 -32.80 14.29 3.20
C LEU A 72 -32.73 15.28 4.36
N SER A 73 -33.56 15.08 5.35
CA SER A 73 -33.52 15.89 6.55
CA SER A 73 -33.48 15.95 6.51
C SER A 73 -32.30 15.52 7.34
N GLY A 74 -31.84 16.44 8.17
CA GLY A 74 -30.64 16.18 8.93
C GLY A 74 -30.61 14.90 9.74
N ASN A 75 -31.75 14.28 10.03
CA ASN A 75 -31.73 13.07 10.84
C ASN A 75 -31.66 11.82 9.99
N HIS A 76 -31.56 11.97 8.67
CA HIS A 76 -31.50 10.85 7.74
C HIS A 76 -30.22 10.83 6.94
N ILE A 77 -29.18 11.47 7.44
CA ILE A 77 -27.86 11.28 6.90
C ILE A 77 -26.97 10.92 8.08
N ALA A 78 -25.92 10.16 7.78
CA ALA A 78 -24.96 9.81 8.81
C ALA A 78 -23.57 10.07 8.27
N TYR A 79 -22.61 10.19 9.17
CA TYR A 79 -21.26 10.50 8.82
C TYR A 79 -20.50 9.23 8.49
N ASP A 80 -19.61 9.30 7.50
CA ASP A 80 -18.90 8.11 7.04
C ASP A 80 -17.72 7.81 7.95
N TYR A 81 -17.99 7.56 9.24
CA TYR A 81 -16.91 7.31 10.18
C TYR A 81 -17.49 6.78 11.49
N HIS A 82 -16.82 5.84 12.09
CA HIS A 82 -17.39 5.22 13.26
C HIS A 82 -17.26 6.15 14.45
N PRO A 83 -18.23 6.13 15.35
CA PRO A 83 -18.19 7.05 16.45
C PRO A 83 -17.10 6.65 17.40
N PRO A 84 -16.36 7.62 17.90
CA PRO A 84 -15.62 7.38 19.14
C PRO A 84 -16.60 6.78 20.11
N ALA A 85 -16.42 5.51 20.50
CA ALA A 85 -17.08 5.06 21.73
C ALA A 85 -16.78 6.10 22.78
N ASP A 86 -17.53 6.10 23.85
CA ASP A 86 -17.27 7.12 24.88
C ASP A 86 -17.77 8.48 24.44
N LYS A 87 -18.19 8.62 23.19
CA LYS A 87 -19.20 9.60 22.85
C LYS A 87 -20.58 8.97 22.69
N LEU A 88 -20.67 7.64 22.61
CA LEU A 88 -21.93 6.95 22.46
C LEU A 88 -22.51 6.57 23.81
N TYR A 89 -23.81 6.45 23.86
CA TYR A 89 -24.47 6.20 25.13
C TYR A 89 -25.87 5.66 24.86
N VAL A 90 -26.47 5.09 25.90
CA VAL A 90 -27.82 4.56 25.79
C VAL A 90 -28.66 5.71 25.33
N GLY A 91 -29.33 5.55 24.20
CA GLY A 91 -30.11 6.61 23.59
C GLY A 91 -29.53 7.06 22.26
N SER A 92 -28.24 6.92 22.09
CA SER A 92 -27.55 7.42 20.93
C SER A 92 -28.19 6.93 19.66
N ARG A 93 -28.41 7.84 18.71
CA ARG A 93 -29.01 7.47 17.42
C ARG A 93 -27.88 7.08 16.51
N VAL A 94 -27.98 5.91 15.86
CA VAL A 94 -26.88 5.39 15.06
C VAL A 94 -27.40 4.56 13.90
N VAL A 95 -26.46 4.16 13.08
CA VAL A 95 -26.72 3.38 11.89
C VAL A 95 -25.74 2.23 11.99
N ALA A 96 -26.17 1.02 11.66
CA ALA A 96 -25.33 -0.13 11.97
C ALA A 96 -25.55 -1.21 10.93
N LYS A 97 -24.52 -2.05 10.77
CA LYS A 97 -24.61 -3.20 9.86
C LYS A 97 -25.37 -4.38 10.45
N TYR A 98 -26.25 -4.92 9.62
CA TYR A 98 -26.96 -6.17 9.79
C TYR A 98 -26.42 -7.15 8.74
N LYS A 99 -26.32 -8.46 9.04
CA LYS A 99 -25.71 -9.38 8.06
C LYS A 99 -26.73 -10.42 7.57
N ASP A 100 -27.37 -10.09 6.45
CA ASP A 100 -28.50 -10.86 5.90
C ASP A 100 -27.90 -12.07 5.20
N GLY A 101 -27.70 -13.12 5.98
CA GLY A 101 -27.02 -14.27 5.41
C GLY A 101 -25.62 -13.89 5.02
N ASN A 102 -25.42 -13.68 3.71
CA ASN A 102 -24.15 -13.19 3.17
C ASN A 102 -24.27 -11.77 2.63
N GLN A 103 -25.49 -11.24 2.54
CA GLN A 103 -25.73 -9.81 2.29
C GLN A 103 -25.36 -8.99 3.52
N VAL A 104 -25.14 -7.69 3.31
CA VAL A 104 -24.90 -6.75 4.41
C VAL A 104 -25.63 -5.46 4.12
N TRP A 105 -26.48 -5.04 5.05
CA TRP A 105 -27.34 -3.89 4.92
C TRP A 105 -26.98 -2.90 6.03
N LEU A 106 -27.25 -1.60 5.85
CA LEU A 106 -27.08 -0.65 6.95
C LEU A 106 -28.43 -0.12 7.38
N TYR A 107 -28.73 -0.20 8.65
CA TYR A 107 -30.07 0.10 9.13
C TYR A 107 -29.96 0.93 10.39
N ALA A 108 -30.87 1.90 10.55
CA ALA A 108 -30.81 2.86 11.65
C ALA A 108 -31.30 2.28 12.96
N GLY A 109 -30.74 2.71 14.05
CA GLY A 109 -31.10 2.08 15.31
C GLY A 109 -30.91 2.94 16.55
N ILE A 110 -30.87 2.28 17.70
CA ILE A 110 -30.55 2.94 18.95
C ILE A 110 -29.64 2.04 19.76
N VAL A 111 -28.68 2.68 20.41
CA VAL A 111 -27.76 2.01 21.34
C VAL A 111 -28.49 1.66 22.61
N ALA A 112 -28.65 0.35 22.90
CA ALA A 112 -29.29 -0.09 24.14
C ALA A 112 -28.34 -0.47 25.26
N GLU A 113 -27.09 -0.77 24.95
CA GLU A 113 -26.08 -1.18 25.92
C GLU A 113 -24.76 -0.69 25.40
N THR A 114 -23.97 -0.05 26.25
CA THR A 114 -22.60 0.22 25.90
C THR A 114 -21.78 -0.99 26.27
N PRO A 115 -20.51 -1.05 25.84
CA PRO A 115 -19.74 -2.29 26.00
C PRO A 115 -19.34 -2.52 27.44
N ASN A 116 -19.30 -3.78 27.81
CA ASN A 116 -18.91 -4.14 29.17
C ASN A 116 -18.69 -5.65 29.26
N VAL A 117 -18.43 -6.15 30.47
CA VAL A 117 -17.95 -7.51 30.60
C VAL A 117 -19.02 -8.48 30.20
N LYS A 118 -20.24 -8.28 30.74
CA LYS A 118 -21.31 -9.24 30.54
C LYS A 118 -21.70 -9.38 29.07
N ASN A 119 -21.54 -8.34 28.24
CA ASN A 119 -21.90 -8.46 26.83
C ASN A 119 -20.68 -8.62 25.94
N LYS A 120 -19.55 -9.02 26.52
CA LYS A 120 -18.36 -9.31 25.74
C LYS A 120 -17.95 -8.08 24.93
N LEU A 121 -18.05 -6.90 25.57
CA LEU A 121 -17.60 -5.59 25.04
C LEU A 121 -18.14 -5.23 23.66
N ARG A 122 -19.42 -5.51 23.44
CA ARG A 122 -20.10 -5.10 22.23
C ARG A 122 -21.19 -4.08 22.58
N PHE A 123 -21.77 -3.46 21.54
CA PHE A 123 -22.90 -2.55 21.64
C PHE A 123 -24.18 -3.28 21.29
N LEU A 124 -25.22 -3.13 22.11
CA LEU A 124 -26.52 -3.69 21.73
C LEU A 124 -27.27 -2.59 21.00
N ILE A 125 -27.67 -2.88 19.77
CA ILE A 125 -28.39 -1.96 18.92
C ILE A 125 -29.80 -2.47 18.80
N PHE A 126 -30.75 -1.62 19.14
CA PHE A 126 -32.15 -1.84 18.85
C PHE A 126 -32.40 -1.16 17.53
N PHE A 127 -32.77 -1.91 16.51
CA PHE A 127 -33.02 -1.32 15.21
C PHE A 127 -34.42 -0.72 15.16
N ASP A 128 -34.64 0.15 14.17
CA ASP A 128 -35.89 0.88 14.09
C ASP A 128 -37.09 -0.04 13.93
N ASP A 129 -36.82 -1.30 13.55
CA ASP A 129 -37.82 -2.21 13.02
C ASP A 129 -38.09 -3.40 13.94
N GLY A 130 -37.76 -3.28 15.22
CA GLY A 130 -37.94 -4.37 16.18
C GLY A 130 -36.70 -5.13 16.61
N TYR A 131 -35.94 -5.57 15.63
CA TYR A 131 -34.79 -6.45 15.82
C TYR A 131 -33.74 -5.81 16.73
N ALA A 132 -32.84 -6.67 17.22
CA ALA A 132 -31.82 -6.32 18.18
C ALA A 132 -30.58 -7.15 17.90
N SER A 133 -29.40 -6.58 18.06
CA SER A 133 -28.23 -7.40 17.86
C SER A 133 -27.05 -6.68 18.43
N TYR A 134 -26.01 -7.43 18.77
CA TYR A 134 -24.77 -6.81 19.23
C TYR A 134 -23.85 -6.47 18.04
N VAL A 135 -23.10 -5.36 18.18
CA VAL A 135 -22.17 -4.94 17.15
C VAL A 135 -20.92 -4.38 17.80
N THR A 136 -19.99 -3.81 17.01
CA THR A 136 -18.78 -3.24 17.56
C THR A 136 -18.59 -1.80 17.08
N GLN A 137 -17.73 -1.01 17.78
CA GLN A 137 -17.46 0.37 17.36
C GLN A 137 -17.27 0.35 15.85
N SER A 138 -16.64 -0.68 15.28
CA SER A 138 -16.32 -0.65 13.84
C SER A 138 -17.54 -0.87 12.92
N GLU A 139 -18.73 -1.15 13.48
CA GLU A 139 -19.93 -1.49 12.71
C GLU A 139 -21.02 -0.44 12.90
N LEU A 140 -20.63 0.75 13.29
CA LEU A 140 -21.54 1.80 13.75
C LEU A 140 -21.18 3.12 13.07
N TYR A 141 -22.17 3.75 12.52
CA TYR A 141 -21.99 5.10 12.05
C TYR A 141 -22.96 6.01 12.76
N PRO A 142 -22.55 7.24 13.05
CA PRO A 142 -23.40 8.16 13.82
C PRO A 142 -24.24 9.05 12.93
N ILE A 143 -25.47 9.27 13.35
CA ILE A 143 -26.39 10.09 12.57
C ILE A 143 -26.12 11.57 12.82
N CYS A 144 -26.24 12.38 11.76
CA CYS A 144 -25.63 13.71 11.78
C CYS A 144 -26.40 14.68 12.65
N ARG A 145 -27.73 14.70 12.56
CA ARG A 145 -28.56 15.69 13.25
C ARG A 145 -29.78 15.01 13.85
N PRO A 146 -29.58 14.33 14.95
CA PRO A 146 -30.67 13.59 15.57
C PRO A 146 -31.57 14.50 16.39
N LEU A 147 -32.81 14.05 16.58
CA LEU A 147 -33.69 14.83 17.39
C LEU A 147 -33.18 14.78 18.82
N LYS A 148 -33.65 15.74 19.64
CA LYS A 148 -33.20 15.82 21.03
C LYS A 148 -33.65 14.57 21.76
N LYS A 149 -34.89 14.22 21.58
CA LYS A 149 -35.42 13.00 22.14
C LYS A 149 -35.27 11.99 21.02
N THR A 150 -34.14 11.28 21.03
CA THR A 150 -33.67 10.62 19.82
C THR A 150 -34.66 9.68 19.18
N TRP A 151 -35.64 9.16 19.95
CA TRP A 151 -36.58 8.15 19.42
C TRP A 151 -37.76 8.74 18.68
N GLU A 152 -37.92 10.06 18.69
CA GLU A 152 -39.10 10.69 18.18
C GLU A 152 -39.16 10.63 16.69
N ASP A 153 -38.11 10.11 16.05
CA ASP A 153 -38.09 9.93 14.61
C ASP A 153 -38.21 8.48 14.21
N ILE A 154 -38.69 7.63 15.10
CA ILE A 154 -38.90 6.23 14.76
C ILE A 154 -40.33 6.12 14.26
N GLU A 155 -40.47 5.58 13.05
CA GLU A 155 -41.77 5.65 12.38
C GLU A 155 -42.75 4.64 12.93
N ASP A 156 -42.25 3.55 13.48
CA ASP A 156 -43.09 2.50 14.02
C ASP A 156 -43.39 2.79 15.48
N ILE A 157 -44.64 2.75 15.86
CA ILE A 157 -45.07 3.37 17.10
C ILE A 157 -44.77 2.49 18.27
N SER A 158 -45.03 1.22 18.10
CA SER A 158 -44.72 0.31 19.17
C SER A 158 -43.25 0.42 19.53
N CYS A 159 -42.36 0.60 18.53
CA CYS A 159 -40.93 0.83 18.78
C CYS A 159 -40.64 2.24 19.34
N ARG A 160 -41.25 3.29 18.81
CA ARG A 160 -41.06 4.58 19.48
C ARG A 160 -41.43 4.49 20.97
N ASP A 161 -42.50 3.78 21.35
CA ASP A 161 -42.88 3.79 22.77
C ASP A 161 -41.94 2.90 23.61
N PHE A 162 -41.64 1.69 23.12
CA PHE A 162 -40.68 0.85 23.80
C PHE A 162 -39.40 1.59 24.09
N ILE A 163 -38.78 2.18 23.04
CA ILE A 163 -37.49 2.85 23.19
C ILE A 163 -37.60 4.02 24.14
N GLU A 164 -38.73 4.73 24.10
CA GLU A 164 -38.93 5.83 25.04
C GLU A 164 -38.88 5.32 26.47
N GLU A 165 -39.55 4.20 26.72
CA GLU A 165 -39.68 3.70 28.07
C GLU A 165 -38.39 3.09 28.53
N TYR A 166 -37.67 2.47 27.60
CA TYR A 166 -36.42 1.82 27.95
C TYR A 166 -35.40 2.85 28.33
N VAL A 167 -35.29 3.91 27.53
CA VAL A 167 -34.22 4.89 27.73
C VAL A 167 -34.50 5.70 28.97
N THR A 168 -35.76 6.08 29.17
CA THR A 168 -36.18 6.83 30.34
C THR A 168 -35.98 6.04 31.63
N ALA A 169 -36.43 4.77 31.64
CA ALA A 169 -36.32 3.91 32.82
C ALA A 169 -34.88 3.60 33.19
N TYR A 170 -34.05 3.35 32.17
CA TYR A 170 -32.71 2.80 32.31
C TYR A 170 -32.11 3.40 33.56
N PRO A 171 -31.45 2.61 34.42
CA PRO A 171 -30.89 1.26 34.28
C PRO A 171 -31.75 0.14 34.76
N ASN A 172 -33.03 0.44 34.93
CA ASN A 172 -34.01 -0.59 35.20
C ASN A 172 -34.42 -1.31 33.91
N ARG A 173 -34.15 -2.62 33.86
CA ARG A 173 -34.41 -3.41 32.66
C ARG A 173 -34.92 -4.79 32.99
N PRO A 174 -36.16 -4.93 33.33
CA PRO A 174 -36.65 -6.27 33.60
C PRO A 174 -36.31 -7.19 32.44
N MET A 175 -35.61 -8.30 32.68
CA MET A 175 -35.45 -9.37 31.71
C MET A 175 -35.76 -10.68 32.38
N VAL A 176 -35.98 -11.71 31.60
CA VAL A 176 -36.16 -13.02 32.19
C VAL A 176 -34.85 -13.71 31.99
N LEU A 177 -34.55 -14.60 32.89
CA LEU A 177 -33.37 -15.42 32.74
C LEU A 177 -33.77 -16.76 32.15
N LEU A 178 -33.12 -17.11 31.07
CA LEU A 178 -33.39 -18.36 30.42
C LEU A 178 -32.06 -19.07 30.35
N LYS A 179 -32.10 -20.41 30.36
CA LYS A 179 -30.92 -21.26 30.26
C LYS A 179 -31.03 -22.02 28.95
N SER A 180 -29.88 -22.33 28.36
CA SER A 180 -29.88 -23.17 27.17
C SER A 180 -30.59 -24.46 27.47
N GLY A 181 -31.63 -24.76 26.71
CA GLY A 181 -32.40 -25.99 26.88
C GLY A 181 -33.84 -25.71 27.28
N GLN A 182 -34.06 -24.70 28.12
CA GLN A 182 -35.38 -24.34 28.62
C GLN A 182 -36.40 -24.25 27.50
N LEU A 183 -37.61 -24.72 27.78
CA LEU A 183 -38.77 -24.58 26.91
C LEU A 183 -39.74 -23.51 27.38
N ILE A 184 -40.24 -22.71 26.43
CA ILE A 184 -41.16 -21.61 26.71
C ILE A 184 -42.06 -21.42 25.52
N LYS A 185 -43.12 -20.62 25.72
CA LYS A 185 -43.91 -20.08 24.62
C LYS A 185 -43.37 -18.75 24.15
N THR A 186 -43.31 -18.58 22.84
CA THR A 186 -42.83 -17.34 22.24
C THR A 186 -43.86 -16.92 21.20
N GLU A 187 -44.35 -15.69 21.33
CA GLU A 187 -45.37 -15.12 20.46
C GLU A 187 -44.79 -14.86 19.06
N TRP A 188 -45.64 -15.06 18.04
CA TRP A 188 -45.33 -14.79 16.64
C TRP A 188 -46.63 -14.59 15.89
N GLU A 189 -46.75 -13.45 15.20
CA GLU A 189 -47.97 -13.07 14.49
C GLU A 189 -49.18 -13.57 15.27
N GLY A 190 -49.31 -13.00 16.46
CA GLY A 190 -50.48 -13.06 17.29
C GLY A 190 -50.79 -14.38 17.91
N THR A 191 -49.90 -15.35 17.77
CA THR A 191 -50.15 -16.67 18.30
C THR A 191 -48.91 -17.13 19.04
N TRP A 192 -49.11 -17.93 20.07
CA TRP A 192 -48.03 -18.34 20.97
C TRP A 192 -47.52 -19.73 20.63
N TRP A 193 -46.24 -19.81 20.31
CA TRP A 193 -45.67 -20.99 19.71
C TRP A 193 -44.88 -21.80 20.73
N LYS A 194 -45.14 -23.09 20.78
CA LYS A 194 -44.19 -23.92 21.47
C LYS A 194 -42.82 -23.59 20.90
N SER A 195 -41.84 -23.34 21.77
CA SER A 195 -40.47 -23.08 21.33
C SER A 195 -39.46 -23.50 22.39
N ARG A 196 -38.17 -23.37 22.06
CA ARG A 196 -37.08 -23.84 22.92
C ARG A 196 -35.96 -22.85 22.86
N VAL A 197 -35.27 -22.68 23.97
CA VAL A 197 -34.12 -21.81 24.02
C VAL A 197 -32.86 -22.57 23.61
N GLU A 198 -32.08 -21.96 22.74
CA GLU A 198 -30.96 -22.62 22.09
C GLU A 198 -29.63 -22.07 22.54
N GLU A 199 -29.61 -20.83 22.96
CA GLU A 199 -28.38 -20.11 23.17
C GLU A 199 -28.74 -18.77 23.76
N VAL A 200 -27.82 -18.24 24.57
CA VAL A 200 -28.00 -16.99 25.31
C VAL A 200 -26.73 -16.20 25.22
N ASP A 201 -26.86 -14.90 25.00
CA ASP A 201 -25.70 -14.05 24.74
C ASP A 201 -26.07 -12.71 25.36
N GLY A 202 -25.48 -12.39 26.49
CA GLY A 202 -25.72 -11.06 27.02
C GLY A 202 -27.20 -10.93 27.09
N SER A 203 -27.75 -9.81 26.57
CA SER A 203 -29.16 -9.55 26.77
C SER A 203 -30.05 -10.14 25.72
N LEU A 204 -29.58 -11.13 24.96
CA LEU A 204 -30.40 -11.73 23.90
C LEU A 204 -30.45 -13.24 24.04
N VAL A 205 -31.49 -13.83 23.50
CA VAL A 205 -31.62 -15.27 23.51
C VAL A 205 -31.97 -15.75 22.11
N ARG A 206 -31.55 -16.98 21.75
CA ARG A 206 -31.95 -17.54 20.47
C ARG A 206 -33.00 -18.60 20.71
N ILE A 207 -34.15 -18.29 20.31
CA ILE A 207 -35.34 -19.12 20.36
C ILE A 207 -35.46 -19.94 19.11
N LEU A 208 -35.85 -21.17 19.25
CA LEU A 208 -36.18 -22.02 18.14
C LEU A 208 -37.67 -22.27 18.23
N PHE A 209 -38.43 -21.79 17.25
CA PHE A 209 -39.83 -22.18 17.19
C PHE A 209 -39.91 -23.61 16.67
N LEU A 210 -40.61 -24.48 17.41
CA LEU A 210 -40.44 -25.93 17.22
C LEU A 210 -41.32 -26.48 16.13
N ASP A 211 -42.46 -25.86 15.84
CA ASP A 211 -43.30 -26.34 14.76
C ASP A 211 -42.65 -26.05 13.40
N ASP A 212 -42.35 -24.76 13.09
CA ASP A 212 -41.87 -24.42 11.75
C ASP A 212 -40.34 -24.20 11.63
N LYS A 213 -39.57 -24.39 12.72
CA LYS A 213 -38.10 -24.56 12.73
C LYS A 213 -37.26 -23.28 12.57
N ARG A 214 -37.88 -22.10 12.51
CA ARG A 214 -37.15 -20.84 12.57
C ARG A 214 -36.38 -20.70 13.89
N CYS A 215 -35.19 -20.13 13.80
CA CYS A 215 -34.55 -19.50 14.93
C CYS A 215 -34.77 -18.00 14.86
N GLU A 216 -34.58 -17.32 15.99
CA GLU A 216 -34.80 -15.89 16.09
C GLU A 216 -34.04 -15.41 17.32
N TRP A 217 -33.35 -14.29 17.20
CA TRP A 217 -32.78 -13.65 18.37
C TRP A 217 -33.80 -12.65 18.91
N ILE A 218 -34.06 -12.70 20.22
CA ILE A 218 -34.98 -11.78 20.89
C ILE A 218 -34.35 -11.22 22.15
N TYR A 219 -34.49 -9.91 22.37
CA TYR A 219 -34.08 -9.31 23.64
C TYR A 219 -34.79 -9.99 24.80
N ARG A 220 -34.03 -10.40 25.81
CA ARG A 220 -34.63 -11.19 26.89
C ARG A 220 -35.62 -10.42 27.73
N GLY A 221 -35.81 -9.12 27.49
CA GLY A 221 -36.86 -8.31 28.08
C GLY A 221 -38.04 -8.09 27.17
N SER A 222 -38.08 -8.80 26.04
CA SER A 222 -39.20 -8.68 25.15
C SER A 222 -40.39 -9.39 25.74
N THR A 223 -41.57 -8.85 25.48
CA THR A 223 -42.82 -9.51 25.84
C THR A 223 -43.29 -10.52 24.79
N ARG A 224 -42.54 -10.76 23.72
CA ARG A 224 -42.95 -11.92 22.94
C ARG A 224 -42.65 -13.19 23.69
N LEU A 225 -41.74 -13.11 24.66
CA LEU A 225 -41.37 -14.22 25.54
C LEU A 225 -42.44 -14.41 26.61
N GLU A 226 -43.01 -15.62 26.70
CA GLU A 226 -44.12 -15.83 27.63
C GLU A 226 -43.79 -15.40 29.07
N PRO A 227 -42.64 -15.77 29.64
CA PRO A 227 -42.32 -15.32 31.00
C PRO A 227 -42.41 -13.82 31.21
N MET A 228 -41.82 -13.09 30.29
CA MET A 228 -41.77 -11.64 30.37
C MET A 228 -43.17 -11.06 30.18
N PHE A 229 -44.04 -11.77 29.51
CA PHE A 229 -45.39 -11.28 29.26
C PHE A 229 -46.25 -11.43 30.49
N SER A 230 -46.01 -12.49 31.27
CA SER A 230 -46.65 -12.63 32.56
C SER A 230 -46.09 -11.60 33.55
N MET A 231 -44.77 -11.59 33.75
CA MET A 231 -44.09 -10.70 34.69
C MET A 231 -44.69 -9.31 34.56
N LYS A 232 -45.09 -8.94 33.34
CA LYS A 232 -45.41 -7.56 33.00
C LYS A 232 -46.90 -7.33 32.92
N THR A 233 -47.66 -8.33 33.25
CA THR A 233 -49.02 -8.14 33.61
C THR A 233 -49.11 -8.85 34.97
N LEU B 22 -5.77 10.05 22.25
CA LEU B 22 -7.01 10.77 21.90
C LEU B 22 -7.92 9.96 20.92
N SER B 23 -9.18 10.40 20.73
CA SER B 23 -10.04 9.93 19.64
C SER B 23 -10.80 11.04 18.87
N LYS B 24 -10.92 12.25 19.42
CA LYS B 24 -11.26 13.43 18.65
C LYS B 24 -10.11 14.43 18.82
N ASP B 25 -9.92 15.30 17.82
CA ASP B 25 -9.24 16.60 17.96
C ASP B 25 -9.97 17.57 17.05
N GLY B 26 -10.64 18.56 17.63
CA GLY B 26 -11.50 19.40 16.82
C GLY B 26 -12.33 18.50 15.93
N ASP B 27 -12.26 18.66 14.60
CA ASP B 27 -13.05 17.82 13.72
C ASP B 27 -12.22 16.76 13.01
N LEU B 28 -11.07 16.41 13.55
CA LEU B 28 -10.35 15.21 13.14
C LEU B 28 -10.65 14.11 14.13
N ILE B 29 -11.34 13.07 13.66
CA ILE B 29 -11.95 12.07 14.55
C ILE B 29 -11.60 10.68 14.02
N VAL B 30 -10.98 9.89 14.86
CA VAL B 30 -10.39 8.65 14.41
C VAL B 30 -11.36 7.79 13.64
N SER B 31 -10.84 7.12 12.61
CA SER B 31 -11.57 6.36 11.59
C SER B 31 -12.06 7.19 10.41
N MET B 32 -11.92 8.51 10.43
CA MET B 32 -12.43 9.30 9.31
C MET B 32 -11.52 9.08 8.12
N ARG B 33 -11.91 9.57 6.93
CA ARG B 33 -11.07 9.46 5.73
C ARG B 33 -10.32 10.76 5.49
N ILE B 34 -9.09 10.59 5.03
CA ILE B 34 -8.08 11.62 5.15
C ILE B 34 -7.09 11.43 4.01
N LEU B 35 -6.48 12.52 3.58
CA LEU B 35 -5.36 12.48 2.66
C LEU B 35 -4.07 12.62 3.44
N GLY B 36 -3.08 11.79 3.15
CA GLY B 36 -1.77 11.90 3.80
C GLY B 36 -0.64 12.11 2.82
N LYS B 37 0.40 12.80 3.28
CA LYS B 37 1.58 13.05 2.45
C LYS B 37 2.54 11.89 2.55
N LYS B 38 3.09 11.48 1.44
CA LYS B 38 4.04 10.37 1.50
C LYS B 38 5.43 10.94 1.21
N ARG B 39 6.44 10.04 1.20
CA ARG B 39 7.82 10.44 1.00
C ARG B 39 7.96 11.20 -0.31
N THR B 40 7.32 10.69 -1.36
CA THR B 40 7.39 11.27 -2.70
C THR B 40 6.87 12.70 -2.76
N LYS B 41 6.35 13.23 -1.65
CA LYS B 41 5.75 14.55 -1.60
C LYS B 41 4.41 14.60 -2.30
N THR B 42 3.92 13.47 -2.84
CA THR B 42 2.55 13.35 -3.29
C THR B 42 1.66 12.86 -2.16
N TRP B 43 0.36 13.09 -2.34
CA TRP B 43 -0.61 12.76 -1.32
C TRP B 43 -1.52 11.67 -1.84
N HIS B 44 -2.07 10.91 -0.89
CA HIS B 44 -2.69 9.65 -1.15
C HIS B 44 -3.79 9.45 -0.12
N LYS B 45 -4.87 8.77 -0.51
CA LYS B 45 -6.01 8.62 0.39
C LYS B 45 -5.74 7.48 1.33
N GLY B 46 -6.19 7.66 2.57
CA GLY B 46 -6.09 6.60 3.58
C GLY B 46 -7.10 6.89 4.66
N THR B 47 -6.77 6.42 5.90
CA THR B 47 -7.71 6.56 7.00
C THR B 47 -7.00 6.92 8.29
N LEU B 48 -7.56 7.85 9.07
CA LEU B 48 -6.96 8.27 10.36
C LEU B 48 -7.18 7.18 11.39
N ILE B 49 -6.15 6.44 11.75
CA ILE B 49 -6.34 5.33 12.68
C ILE B 49 -5.94 5.66 14.10
N ALA B 50 -5.31 6.81 14.33
CA ALA B 50 -4.83 7.11 15.68
C ALA B 50 -4.43 8.55 15.75
N ILE B 51 -4.61 9.12 16.93
CA ILE B 51 -4.21 10.48 17.26
C ILE B 51 -3.49 10.40 18.61
N GLN B 52 -2.21 10.78 18.64
CA GLN B 52 -1.44 10.47 19.82
C GLN B 52 -0.57 11.63 20.23
N THR B 53 -0.97 12.30 21.32
CA THR B 53 -0.23 13.43 21.82
C THR B 53 1.14 12.96 22.27
N VAL B 54 2.15 13.71 21.85
CA VAL B 54 3.55 13.45 22.12
C VAL B 54 4.29 14.77 22.32
N GLY B 55 4.54 15.17 23.57
CA GLY B 55 5.06 16.49 23.83
C GLY B 55 4.00 17.51 23.54
N PRO B 56 4.37 18.71 23.09
CA PRO B 56 3.39 19.82 23.11
C PRO B 56 2.08 19.46 22.47
N GLY B 57 2.12 18.60 21.47
CA GLY B 57 1.03 18.52 20.53
C GLY B 57 0.81 17.09 20.12
N LYS B 58 0.13 16.91 18.99
CA LYS B 58 -0.33 15.62 18.58
C LYS B 58 0.27 15.29 17.22
N LYS B 59 0.14 14.03 16.83
CA LYS B 59 0.62 13.54 15.56
C LYS B 59 -0.44 12.58 15.06
N TYR B 60 -0.77 12.65 13.79
CA TYR B 60 -1.89 11.89 13.30
C TYR B 60 -1.40 10.71 12.47
N LYS B 61 -1.91 9.54 12.78
CA LYS B 61 -1.45 8.28 12.20
C LYS B 61 -2.42 7.88 11.10
N VAL B 62 -1.90 7.41 9.97
CA VAL B 62 -2.65 7.30 8.73
C VAL B 62 -2.36 5.94 8.11
N LYS B 63 -3.40 5.13 7.82
CA LYS B 63 -3.24 3.87 7.07
C LYS B 63 -3.76 4.06 5.64
N PHE B 64 -2.84 4.32 4.72
CA PHE B 64 -3.18 4.51 3.32
C PHE B 64 -3.81 3.24 2.77
N ASP B 65 -4.57 3.39 1.68
CA ASP B 65 -5.18 2.21 1.08
C ASP B 65 -4.13 1.22 0.60
N ASN B 66 -2.87 1.67 0.40
CA ASN B 66 -1.73 0.78 0.18
C ASN B 66 -1.57 -0.22 1.34
N LYS B 67 -2.40 -0.12 2.38
CA LYS B 67 -2.18 -0.80 3.67
C LYS B 67 -0.97 -0.20 4.42
N GLY B 68 -0.19 0.70 3.77
CA GLY B 68 0.94 1.36 4.43
C GLY B 68 0.50 2.23 5.60
N LYS B 69 1.46 2.65 6.43
CA LYS B 69 1.15 3.47 7.61
C LYS B 69 2.25 4.50 7.92
N SER B 70 1.83 5.71 8.26
CA SER B 70 2.78 6.78 8.55
C SER B 70 2.18 7.67 9.63
N LEU B 71 3.05 8.32 10.40
CA LEU B 71 2.67 9.21 11.48
C LEU B 71 3.11 10.61 11.06
N LEU B 72 2.16 11.57 10.98
CA LEU B 72 2.31 12.83 10.28
C LEU B 72 1.82 14.01 11.08
N SER B 73 2.56 15.10 11.04
CA SER B 73 2.10 16.30 11.68
CA SER B 73 2.11 16.32 11.66
C SER B 73 0.77 16.71 11.07
N GLY B 74 0.07 17.60 11.75
CA GLY B 74 -1.21 18.06 11.25
C GLY B 74 -1.14 18.81 9.93
N ASN B 75 0.01 19.35 9.58
CA ASN B 75 0.05 20.13 8.35
C ASN B 75 0.34 19.27 7.14
N HIS B 76 0.40 17.94 7.32
CA HIS B 76 0.68 17.02 6.23
C HIS B 76 -0.44 16.03 6.04
N ILE B 77 -1.62 16.33 6.58
CA ILE B 77 -2.84 15.58 6.32
C ILE B 77 -3.86 16.59 5.84
N ALA B 78 -4.71 16.20 4.89
CA ALA B 78 -5.73 17.08 4.33
C ALA B 78 -7.06 16.32 4.34
N TYR B 79 -8.19 17.05 4.25
CA TYR B 79 -9.51 16.46 4.34
C TYR B 79 -9.99 15.94 2.99
N ASP B 80 -10.83 14.91 3.03
CA ASP B 80 -11.28 14.28 1.78
C ASP B 80 -12.50 14.98 1.23
N TYR B 81 -12.41 16.29 1.09
CA TYR B 81 -13.52 17.02 0.51
C TYR B 81 -13.04 18.34 -0.07
N HIS B 82 -13.86 18.95 -0.89
CA HIS B 82 -13.39 20.05 -1.69
C HIS B 82 -13.81 21.35 -1.04
N PRO B 83 -12.90 22.24 -0.73
CA PRO B 83 -13.30 23.39 0.07
C PRO B 83 -14.29 24.26 -0.68
N PRO B 84 -15.02 25.12 0.03
CA PRO B 84 -15.92 26.04 -0.65
C PRO B 84 -15.10 27.15 -1.27
N ALA B 85 -15.40 27.47 -2.52
CA ALA B 85 -14.72 28.61 -3.11
C ALA B 85 -15.28 29.86 -2.47
N ASP B 86 -15.15 29.95 -1.15
CA ASP B 86 -15.65 31.06 -0.36
C ASP B 86 -14.85 31.11 0.90
N LYS B 87 -14.43 29.93 1.31
CA LYS B 87 -13.55 29.78 2.43
C LYS B 87 -12.10 29.69 1.97
N LEU B 88 -11.83 30.02 0.71
CA LEU B 88 -10.47 30.07 0.20
C LEU B 88 -10.11 31.45 -0.34
N TYR B 89 -8.83 31.75 -0.22
CA TYR B 89 -8.31 33.03 -0.65
C TYR B 89 -6.81 32.93 -0.92
N VAL B 90 -6.17 34.06 -1.19
CA VAL B 90 -4.73 34.05 -1.45
C VAL B 90 -3.98 33.73 -0.17
N GLY B 91 -3.11 32.73 -0.22
CA GLY B 91 -2.44 32.23 0.98
C GLY B 91 -2.92 30.86 1.44
N SER B 92 -4.14 30.46 1.05
CA SER B 92 -4.71 29.21 1.54
C SER B 92 -3.82 28.05 1.17
N ARG B 93 -3.65 27.13 2.12
CA ARG B 93 -2.77 25.98 1.96
C ARG B 93 -3.63 24.83 1.52
N VAL B 94 -3.28 24.22 0.40
CA VAL B 94 -4.16 23.24 -0.21
C VAL B 94 -3.37 22.18 -0.93
N VAL B 95 -4.06 21.12 -1.23
CA VAL B 95 -3.53 20.02 -2.00
C VAL B 95 -4.32 20.07 -3.27
N ALA B 96 -3.68 19.77 -4.40
CA ALA B 96 -4.33 20.03 -5.68
C ALA B 96 -3.91 18.96 -6.64
N LYS B 97 -4.76 18.74 -7.65
CA LYS B 97 -4.48 17.73 -8.67
C LYS B 97 -3.58 18.28 -9.77
N TYR B 98 -2.60 17.48 -10.13
CA TYR B 98 -1.61 17.77 -11.15
C TYR B 98 -1.77 16.70 -12.23
N LYS B 99 -1.59 17.07 -13.49
CA LYS B 99 -1.79 16.13 -14.59
C LYS B 99 -0.48 15.92 -15.33
N ASP B 100 0.32 14.97 -14.82
CA ASP B 100 1.50 14.43 -15.50
C ASP B 100 0.93 13.61 -16.65
N GLY B 101 0.53 14.33 -17.70
CA GLY B 101 -0.04 13.74 -18.89
C GLY B 101 -1.39 13.08 -18.74
N ASN B 102 -1.33 11.75 -18.66
CA ASN B 102 -2.48 10.87 -18.48
C ASN B 102 -2.64 10.41 -17.03
N GLN B 103 -1.54 10.09 -16.32
CA GLN B 103 -1.60 9.79 -14.89
C GLN B 103 -1.90 11.07 -14.12
N VAL B 104 -2.38 10.91 -12.88
CA VAL B 104 -2.75 12.09 -12.11
C VAL B 104 -2.38 11.91 -10.63
N TRP B 105 -1.99 13.04 -10.02
CA TRP B 105 -1.18 13.11 -8.83
C TRP B 105 -1.58 14.34 -8.01
N LEU B 106 -1.68 14.19 -6.70
CA LEU B 106 -2.04 15.29 -5.82
C LEU B 106 -0.76 15.79 -5.18
N TYR B 107 -0.57 17.10 -5.14
CA TYR B 107 0.70 17.65 -4.68
C TYR B 107 0.45 19.00 -4.01
N ALA B 108 1.17 19.29 -2.94
CA ALA B 108 0.78 20.42 -2.12
C ALA B 108 1.15 21.73 -2.75
N GLY B 109 0.42 22.77 -2.36
CA GLY B 109 0.62 24.07 -2.97
C GLY B 109 0.01 25.21 -2.18
N ILE B 110 -0.03 26.39 -2.82
CA ILE B 110 -0.61 27.58 -2.22
C ILE B 110 -1.46 28.28 -3.25
N VAL B 111 -2.57 28.85 -2.78
CA VAL B 111 -3.49 29.55 -3.63
C VAL B 111 -2.92 30.93 -3.90
N ALA B 112 -2.77 31.24 -5.20
CA ALA B 112 -2.21 32.51 -5.62
C ALA B 112 -3.24 33.41 -6.26
N GLU B 113 -4.21 32.84 -6.95
CA GLU B 113 -5.27 33.65 -7.47
C GLU B 113 -6.53 32.88 -7.19
N THR B 114 -7.62 33.60 -7.02
CA THR B 114 -8.90 32.94 -6.84
C THR B 114 -9.88 33.39 -7.91
N PRO B 115 -10.77 32.49 -8.37
CA PRO B 115 -11.48 32.71 -9.64
C PRO B 115 -11.96 34.13 -9.83
N ASN B 116 -11.78 34.57 -11.06
CA ASN B 116 -12.08 35.94 -11.45
C ASN B 116 -12.20 35.90 -12.96
N VAL B 117 -12.57 37.03 -13.54
CA VAL B 117 -12.87 37.03 -14.96
C VAL B 117 -11.63 36.72 -15.77
N LYS B 118 -10.58 37.52 -15.55
CA LYS B 118 -9.40 37.50 -16.39
C LYS B 118 -8.71 36.13 -16.44
N ASN B 119 -9.09 35.17 -15.58
CA ASN B 119 -8.40 33.87 -15.53
C ASN B 119 -9.33 32.73 -15.86
N LYS B 120 -10.51 33.03 -16.40
CA LYS B 120 -11.44 31.97 -16.80
C LYS B 120 -11.93 31.23 -15.55
N LEU B 121 -12.11 31.98 -14.45
CA LEU B 121 -12.79 31.47 -13.27
C LEU B 121 -12.13 30.21 -12.72
N ARG B 122 -10.82 30.26 -12.59
CA ARG B 122 -10.07 29.19 -11.97
C ARG B 122 -9.29 29.72 -10.77
N PHE B 123 -8.68 28.77 -10.05
CA PHE B 123 -7.72 29.05 -9.00
C PHE B 123 -6.32 28.88 -9.56
N LEU B 124 -5.41 29.79 -9.18
CA LEU B 124 -4.02 29.63 -9.57
C LEU B 124 -3.23 29.08 -8.39
N ILE B 125 -2.60 27.93 -8.60
CA ILE B 125 -1.91 27.18 -7.56
C ILE B 125 -0.42 27.25 -7.82
N PHE B 126 0.34 27.79 -6.85
CA PHE B 126 1.80 27.69 -6.81
C PHE B 126 2.14 26.46 -5.96
N PHE B 127 2.56 25.39 -6.59
CA PHE B 127 2.94 24.21 -5.85
C PHE B 127 4.17 24.44 -5.02
N ASP B 128 4.38 23.51 -4.11
CA ASP B 128 5.47 23.57 -3.18
C ASP B 128 6.83 23.33 -3.81
N ASP B 129 6.90 22.83 -5.04
CA ASP B 129 8.18 22.73 -5.72
C ASP B 129 8.32 23.76 -6.84
N GLY B 130 7.55 24.84 -6.79
CA GLY B 130 7.76 25.99 -7.65
C GLY B 130 6.97 26.02 -8.94
N TYR B 131 6.62 24.83 -9.51
CA TYR B 131 5.69 24.70 -10.63
C TYR B 131 4.40 25.47 -10.37
N ALA B 132 3.60 25.72 -11.39
CA ALA B 132 2.33 26.36 -11.14
C ALA B 132 1.36 26.02 -12.25
N SER B 133 0.07 26.14 -11.93
CA SER B 133 -0.97 25.75 -12.86
C SER B 133 -2.31 26.16 -12.28
N TYR B 134 -3.35 26.08 -13.12
CA TYR B 134 -4.71 26.50 -12.74
C TYR B 134 -5.60 25.28 -12.50
N VAL B 135 -6.62 25.46 -11.65
CA VAL B 135 -7.52 24.38 -11.27
C VAL B 135 -8.87 24.98 -10.86
N THR B 136 -9.87 24.11 -10.65
CA THR B 136 -11.25 24.47 -10.32
C THR B 136 -11.55 24.10 -8.87
N GLN B 137 -12.56 24.74 -8.24
CA GLN B 137 -12.86 24.40 -6.84
C GLN B 137 -12.76 22.89 -6.66
N SER B 138 -13.14 22.09 -7.67
CA SER B 138 -13.31 20.66 -7.44
C SER B 138 -12.03 19.87 -7.42
N GLU B 139 -10.88 20.51 -7.59
CA GLU B 139 -9.59 19.83 -7.70
C GLU B 139 -8.68 20.22 -6.57
N LEU B 140 -9.25 20.85 -5.55
CA LEU B 140 -8.55 21.22 -4.34
C LEU B 140 -8.95 20.32 -3.18
N TYR B 141 -8.14 20.37 -2.13
CA TYR B 141 -8.41 19.69 -0.87
C TYR B 141 -7.70 20.48 0.22
N PRO B 142 -8.35 20.77 1.32
CA PRO B 142 -7.73 21.62 2.33
C PRO B 142 -6.83 20.84 3.28
N ILE B 143 -5.74 21.46 3.67
CA ILE B 143 -4.85 20.87 4.65
C ILE B 143 -5.42 21.15 6.03
N CYS B 144 -5.26 20.19 6.95
CA CYS B 144 -6.05 20.19 8.20
C CYS B 144 -5.62 21.31 9.13
N ARG B 145 -4.33 21.45 9.32
CA ARG B 145 -3.77 22.24 10.41
C ARG B 145 -2.59 22.98 9.83
N PRO B 146 -2.85 23.93 8.93
CA PRO B 146 -1.77 24.68 8.30
C PRO B 146 -1.11 25.64 9.26
N LEU B 147 0.08 26.09 8.87
CA LEU B 147 0.84 26.98 9.74
C LEU B 147 0.29 28.39 9.67
N LYS B 148 0.46 29.12 10.78
CA LYS B 148 -0.11 30.47 10.88
C LYS B 148 0.28 31.33 9.70
N LYS B 149 1.57 31.30 9.33
CA LYS B 149 2.02 31.82 8.05
C LYS B 149 2.12 30.58 7.18
N THR B 150 1.15 30.39 6.28
CA THR B 150 1.04 29.07 5.67
C THR B 150 2.24 28.68 4.85
N TRP B 151 3.05 29.64 4.41
CA TRP B 151 4.22 29.29 3.60
C TRP B 151 5.35 28.70 4.42
N GLU B 152 5.28 28.74 5.74
CA GLU B 152 6.47 28.42 6.52
C GLU B 152 6.82 26.96 6.50
N ASP B 153 5.92 26.10 6.05
CA ASP B 153 6.27 24.68 5.92
C ASP B 153 6.69 24.32 4.51
N ILE B 154 7.17 25.29 3.72
CA ILE B 154 7.65 24.94 2.39
C ILE B 154 9.11 24.54 2.47
N GLU B 155 9.42 23.35 1.96
CA GLU B 155 10.77 22.84 2.07
C GLU B 155 11.72 23.79 1.33
N ASP B 156 11.58 23.82 0.01
CA ASP B 156 12.47 24.61 -0.83
C ASP B 156 12.44 26.07 -0.42
N ILE B 157 13.62 26.70 -0.38
CA ILE B 157 13.75 27.99 0.29
C ILE B 157 13.57 29.20 -0.61
N SER B 158 13.69 29.05 -1.93
CA SER B 158 13.30 30.19 -2.74
C SER B 158 11.79 30.21 -2.92
N CYS B 159 11.15 29.04 -3.15
CA CYS B 159 9.69 28.99 -3.12
C CYS B 159 9.18 29.63 -1.84
N ARG B 160 9.73 29.22 -0.70
CA ARG B 160 9.20 29.79 0.52
C ARG B 160 9.32 31.29 0.50
N ASP B 161 10.44 31.82 0.02
CA ASP B 161 10.62 33.26 0.14
C ASP B 161 9.91 34.01 -0.98
N PHE B 162 9.66 33.34 -2.12
CA PHE B 162 8.84 33.92 -3.18
C PHE B 162 7.38 34.08 -2.77
N ILE B 163 6.80 33.01 -2.23
CA ILE B 163 5.45 33.06 -1.66
C ILE B 163 5.35 34.15 -0.59
N GLU B 164 6.29 34.15 0.37
CA GLU B 164 6.18 35.12 1.46
C GLU B 164 6.07 36.51 0.90
N GLU B 165 6.77 36.73 -0.19
CA GLU B 165 6.87 38.06 -0.75
C GLU B 165 5.65 38.34 -1.63
N TYR B 166 5.16 37.32 -2.33
CA TYR B 166 4.02 37.47 -3.24
C TYR B 166 2.71 37.68 -2.50
N VAL B 167 2.52 36.95 -1.40
CA VAL B 167 1.32 37.09 -0.57
C VAL B 167 1.32 38.44 0.13
N THR B 168 2.42 38.74 0.83
CA THR B 168 2.63 40.07 1.42
C THR B 168 2.33 41.22 0.45
N ALA B 169 2.70 41.05 -0.82
CA ALA B 169 2.65 42.09 -1.83
C ALA B 169 1.47 42.00 -2.77
N TYR B 170 0.76 40.88 -2.78
CA TYR B 170 -0.53 40.85 -3.44
C TYR B 170 -1.37 42.01 -2.91
N PRO B 171 -2.18 42.65 -3.76
CA PRO B 171 -2.42 42.41 -5.19
C PRO B 171 -1.32 42.94 -6.06
N ASN B 172 -0.36 43.63 -5.45
CA ASN B 172 0.64 44.37 -6.20
C ASN B 172 1.56 43.34 -6.83
N ARG B 173 1.34 43.06 -8.12
CA ARG B 173 1.77 41.79 -8.72
C ARG B 173 2.58 42.03 -9.98
N PRO B 174 3.80 42.38 -9.83
CA PRO B 174 4.61 42.71 -11.01
C PRO B 174 4.61 41.61 -12.03
N MET B 175 3.96 41.87 -13.17
CA MET B 175 3.99 40.93 -14.29
C MET B 175 4.31 41.67 -15.58
N VAL B 176 4.79 40.89 -16.54
CA VAL B 176 5.13 41.36 -17.87
C VAL B 176 4.07 40.87 -18.85
N LEU B 177 3.37 41.81 -19.47
CA LEU B 177 2.54 41.52 -20.63
C LEU B 177 3.34 40.81 -21.71
N LEU B 178 2.78 39.71 -22.23
CA LEU B 178 3.42 38.99 -23.33
C LEU B 178 2.37 38.67 -24.37
N LYS B 179 2.80 38.66 -25.62
CA LYS B 179 1.99 38.23 -26.74
C LYS B 179 2.57 36.94 -27.28
N SER B 180 1.76 36.18 -28.00
CA SER B 180 2.26 34.99 -28.65
C SER B 180 3.25 35.37 -29.73
N GLY B 181 4.10 34.40 -30.09
CA GLY B 181 5.16 34.62 -31.05
C GLY B 181 6.35 35.35 -30.45
N GLN B 182 6.08 36.35 -29.60
CA GLN B 182 7.13 37.17 -29.00
C GLN B 182 8.34 36.30 -28.67
N LEU B 183 9.53 36.83 -28.96
CA LEU B 183 10.79 36.14 -28.69
C LEU B 183 11.46 36.76 -27.47
N ILE B 184 11.93 35.91 -26.53
CA ILE B 184 12.54 36.41 -25.30
C ILE B 184 13.59 35.43 -24.77
N LYS B 185 14.31 35.91 -23.74
CA LYS B 185 15.30 35.13 -22.99
C LYS B 185 14.64 34.48 -21.78
N THR B 186 14.75 33.16 -21.67
CA THR B 186 14.17 32.48 -20.53
C THR B 186 15.22 31.61 -19.89
N GLU B 187 15.33 31.72 -18.56
CA GLU B 187 16.34 31.01 -17.79
C GLU B 187 15.98 29.52 -17.64
N TRP B 188 17.00 28.68 -17.58
CA TRP B 188 16.82 27.27 -17.24
C TRP B 188 18.19 26.70 -16.91
N GLU B 189 18.33 26.10 -15.73
CA GLU B 189 19.61 25.55 -15.26
C GLU B 189 20.70 26.61 -15.44
N GLY B 190 20.43 27.80 -14.85
CA GLY B 190 21.39 28.89 -14.62
C GLY B 190 21.80 29.74 -15.80
N THR B 191 21.16 29.56 -16.96
CA THR B 191 21.58 30.11 -18.24
C THR B 191 20.37 30.57 -19.06
N TRP B 192 20.47 31.76 -19.68
CA TRP B 192 19.34 32.28 -20.45
C TRP B 192 19.27 31.63 -21.83
N TRP B 193 18.04 31.57 -22.37
CA TRP B 193 17.84 30.84 -23.63
C TRP B 193 16.97 31.67 -24.56
N LYS B 194 17.31 31.62 -25.84
CA LYS B 194 16.39 32.13 -26.84
C LYS B 194 15.14 31.30 -26.72
N SER B 195 14.03 31.99 -26.47
CA SER B 195 12.76 31.32 -26.32
C SER B 195 11.68 32.13 -27.04
N ARG B 196 10.58 31.42 -27.31
CA ARG B 196 9.41 31.95 -28.00
C ARG B 196 8.15 31.72 -27.17
N VAL B 197 7.47 32.80 -26.81
CA VAL B 197 6.13 32.71 -26.26
C VAL B 197 5.21 31.98 -27.24
N GLU B 198 4.76 30.78 -26.88
CA GLU B 198 3.70 30.08 -27.63
C GLU B 198 2.31 30.63 -27.28
N GLU B 199 1.90 30.48 -26.04
CA GLU B 199 0.53 30.68 -25.63
C GLU B 199 0.50 31.41 -24.31
N VAL B 200 -0.50 32.26 -24.13
CA VAL B 200 -0.72 32.92 -22.85
C VAL B 200 -2.02 32.38 -22.28
N ASP B 201 -2.12 32.39 -20.95
CA ASP B 201 -3.29 31.93 -20.21
C ASP B 201 -3.24 32.63 -18.85
N GLY B 202 -4.07 33.63 -18.66
CA GLY B 202 -4.03 34.29 -17.37
C GLY B 202 -2.63 34.67 -17.02
N SER B 203 -2.30 34.49 -15.74
CA SER B 203 -0.99 34.85 -15.26
C SER B 203 0.03 33.80 -15.59
N LEU B 204 -0.27 32.88 -16.50
CA LEU B 204 0.73 31.93 -16.96
C LEU B 204 1.01 32.13 -18.44
N VAL B 205 2.11 31.52 -18.88
CA VAL B 205 2.58 31.60 -20.26
C VAL B 205 3.33 30.32 -20.55
N ARG B 206 2.98 29.64 -21.63
CA ARG B 206 3.73 28.46 -22.10
C ARG B 206 4.87 28.92 -22.99
N ILE B 207 6.05 28.34 -22.80
CA ILE B 207 7.23 28.90 -23.42
C ILE B 207 7.93 27.80 -24.15
N LEU B 208 8.54 28.18 -25.27
CA LEU B 208 9.26 27.25 -26.14
C LEU B 208 10.74 27.60 -26.11
N PHE B 209 11.47 26.86 -25.28
CA PHE B 209 12.90 26.76 -25.44
C PHE B 209 13.17 26.09 -26.76
N LEU B 210 13.83 26.81 -27.65
CA LEU B 210 13.86 26.45 -29.06
C LEU B 210 14.89 25.37 -29.36
N ASP B 211 16.01 25.40 -28.64
CA ASP B 211 17.20 24.61 -28.92
C ASP B 211 16.97 23.11 -28.71
N ASP B 212 16.01 22.74 -27.84
CA ASP B 212 15.67 21.37 -27.51
C ASP B 212 14.18 21.09 -27.65
N LYS B 213 13.35 22.12 -27.65
CA LYS B 213 11.91 22.09 -27.88
C LYS B 213 11.05 21.84 -26.65
N ARG B 214 11.62 21.73 -25.44
CA ARG B 214 10.78 21.59 -24.26
C ARG B 214 9.81 22.76 -24.19
N CYS B 215 8.55 22.47 -23.82
CA CYS B 215 7.60 23.52 -23.47
C CYS B 215 7.35 23.49 -21.97
N GLU B 216 7.08 24.67 -21.41
CA GLU B 216 6.99 24.80 -19.95
C GLU B 216 6.06 25.94 -19.61
N TRP B 217 5.13 25.73 -18.69
CA TRP B 217 4.25 26.82 -18.28
C TRP B 217 4.94 27.60 -17.18
N ILE B 218 4.89 28.92 -17.28
CA ILE B 218 5.65 29.76 -16.38
C ILE B 218 4.84 30.99 -16.00
N TYR B 219 4.83 31.32 -14.72
CA TYR B 219 4.19 32.52 -14.20
C TYR B 219 4.76 33.75 -14.89
N ARG B 220 3.89 34.62 -15.34
CA ARG B 220 4.34 35.90 -15.95
C ARG B 220 4.95 36.88 -14.93
N GLY B 221 5.31 36.46 -13.71
CA GLY B 221 5.96 37.31 -12.73
C GLY B 221 7.23 36.63 -12.31
N SER B 222 7.54 35.53 -13.00
CA SER B 222 8.78 34.82 -12.79
C SER B 222 9.94 35.57 -13.40
N THR B 223 11.05 35.59 -12.67
CA THR B 223 12.33 36.08 -13.18
C THR B 223 13.14 34.99 -13.88
N ARG B 224 12.49 33.95 -14.40
CA ARG B 224 13.08 33.13 -15.45
C ARG B 224 12.76 33.68 -16.80
N LEU B 225 11.59 34.29 -16.90
CA LEU B 225 11.30 35.22 -17.97
C LEU B 225 12.25 36.41 -17.84
N GLU B 226 12.84 36.77 -18.96
CA GLU B 226 13.92 37.77 -18.92
C GLU B 226 13.40 39.17 -18.67
N PRO B 227 12.32 39.63 -19.28
CA PRO B 227 11.86 40.99 -19.01
C PRO B 227 11.58 41.23 -17.55
N MET B 228 11.25 40.17 -16.80
CA MET B 228 10.95 40.29 -15.38
C MET B 228 12.23 40.40 -14.56
N PHE B 229 13.16 39.47 -14.79
CA PHE B 229 14.49 39.54 -14.20
C PHE B 229 15.12 40.92 -14.39
N SER B 230 14.97 41.49 -15.60
CA SER B 230 15.40 42.86 -15.85
C SER B 230 14.48 43.85 -15.12
N MET B 231 13.15 43.72 -15.35
CA MET B 231 12.09 44.51 -14.70
C MET B 231 12.05 44.34 -13.17
N LYS B 232 12.83 43.43 -12.62
CA LYS B 232 12.97 43.32 -11.18
C LYS B 232 14.19 44.09 -10.71
N THR B 233 15.34 43.83 -11.33
CA THR B 233 16.56 44.51 -10.90
C THR B 233 17.21 45.25 -12.09
N GLY C 19 43.44 15.09 7.22
CA GLY C 19 43.02 16.47 7.05
C GLY C 19 41.56 16.59 6.62
N GLY C 20 41.15 15.64 5.79
CA GLY C 20 39.85 15.72 5.14
C GLY C 20 39.85 16.77 4.05
N GLU C 21 40.98 16.96 3.37
CA GLU C 21 41.07 17.80 2.17
C GLU C 21 41.68 16.96 1.04
N LEU C 22 40.87 16.12 0.43
CA LEU C 22 41.33 15.36 -0.71
C LEU C 22 41.21 16.22 -1.98
N SER C 23 41.91 15.80 -3.02
CA SER C 23 41.59 16.24 -4.36
C SER C 23 41.47 15.05 -5.33
N LYS C 24 41.60 13.81 -4.83
CA LYS C 24 41.29 12.55 -5.51
C LYS C 24 40.71 11.55 -4.51
N ASP C 25 39.76 10.71 -4.94
CA ASP C 25 39.42 9.45 -4.27
C ASP C 25 39.20 8.42 -5.37
N GLY C 26 40.17 7.56 -5.60
CA GLY C 26 40.13 6.78 -6.82
C GLY C 26 40.02 7.73 -8.02
N ASP C 27 39.05 7.47 -8.90
CA ASP C 27 38.92 8.26 -10.13
C ASP C 27 37.95 9.45 -10.00
N LEU C 28 37.52 9.80 -8.78
CA LEU C 28 36.89 11.08 -8.53
C LEU C 28 37.96 12.10 -8.29
N ILE C 29 37.84 13.27 -8.95
CA ILE C 29 38.95 14.22 -8.96
C ILE C 29 38.42 15.63 -9.12
N VAL C 30 38.86 16.54 -8.26
CA VAL C 30 38.28 17.88 -8.22
C VAL C 30 38.29 18.47 -9.61
N SER C 31 37.31 19.32 -9.91
CA SER C 31 37.03 20.00 -11.18
C SER C 31 36.32 19.12 -12.24
N MET C 32 36.15 17.81 -12.04
CA MET C 32 35.55 16.98 -13.07
C MET C 32 34.05 17.25 -13.18
N ARG C 33 33.44 16.73 -14.26
CA ARG C 33 31.99 16.83 -14.46
C ARG C 33 31.29 15.61 -13.89
N ILE C 34 30.11 15.86 -13.34
CA ILE C 34 29.48 14.91 -12.43
C ILE C 34 27.99 15.17 -12.41
N LEU C 35 27.23 14.20 -11.92
CA LEU C 35 25.80 14.31 -11.69
C LEU C 35 25.53 14.17 -10.19
N GLY C 36 24.56 14.94 -9.70
CA GLY C 36 24.25 14.95 -8.28
C GLY C 36 22.75 14.97 -8.03
N LYS C 37 22.34 14.30 -6.96
CA LYS C 37 20.93 14.14 -6.64
C LYS C 37 20.44 15.40 -5.95
N LYS C 38 19.23 15.82 -6.26
CA LYS C 38 18.60 16.98 -5.61
C LYS C 38 17.40 16.53 -4.79
N ARG C 39 16.91 17.41 -3.90
CA ARG C 39 15.86 17.02 -2.95
C ARG C 39 14.64 16.51 -3.67
N THR C 40 14.44 16.90 -4.93
CA THR C 40 13.36 16.34 -5.72
C THR C 40 13.62 14.93 -6.16
N LYS C 41 14.79 14.36 -5.86
CA LYS C 41 15.19 13.03 -6.29
C LYS C 41 15.58 12.94 -7.78
N THR C 42 15.34 13.99 -8.56
CA THR C 42 15.90 14.06 -9.89
C THR C 42 17.37 14.42 -9.81
N TRP C 43 18.11 14.06 -10.85
CA TRP C 43 19.55 14.28 -10.85
C TRP C 43 19.86 15.38 -11.85
N HIS C 44 21.01 16.03 -11.64
CA HIS C 44 21.32 17.25 -12.37
C HIS C 44 22.81 17.37 -12.59
N LYS C 45 23.17 17.96 -13.74
CA LYS C 45 24.56 18.08 -14.11
C LYS C 45 25.21 19.21 -13.31
N GLY C 46 26.49 19.02 -12.99
CA GLY C 46 27.25 20.00 -12.22
C GLY C 46 28.69 19.54 -12.08
N THR C 47 29.47 20.39 -11.41
CA THR C 47 30.91 20.20 -11.27
C THR C 47 31.31 19.81 -9.85
N LEU C 48 32.35 18.99 -9.76
CA LEU C 48 32.86 18.51 -8.48
C LEU C 48 33.91 19.50 -7.98
N ILE C 49 33.65 20.09 -6.83
CA ILE C 49 34.49 21.19 -6.38
C ILE C 49 35.13 20.96 -5.02
N ALA C 50 34.83 19.85 -4.34
CA ALA C 50 35.53 19.56 -3.10
C ALA C 50 35.27 18.12 -2.71
N ILE C 51 36.30 17.51 -2.18
CA ILE C 51 36.17 16.29 -1.41
C ILE C 51 36.59 16.66 0.00
N GLN C 52 35.83 16.21 0.97
CA GLN C 52 36.23 16.45 2.34
C GLN C 52 35.82 15.24 3.13
N THR C 53 36.68 14.78 4.05
CA THR C 53 36.28 13.65 4.86
C THR C 53 35.35 14.15 5.93
N VAL C 54 34.38 13.32 6.31
CA VAL C 54 33.50 13.59 7.43
C VAL C 54 33.17 12.28 8.09
N GLY C 55 33.69 12.07 9.29
CA GLY C 55 33.44 10.86 10.01
C GLY C 55 34.30 9.73 9.47
N PRO C 56 33.74 8.52 9.45
CA PRO C 56 34.49 7.37 8.93
C PRO C 56 34.94 7.55 7.49
N GLY C 57 34.33 8.46 6.74
CA GLY C 57 34.51 8.54 5.28
C GLY C 57 34.42 9.92 4.66
N LYS C 58 34.21 10.02 3.33
CA LYS C 58 34.21 11.29 2.63
C LYS C 58 32.81 11.71 2.18
N LYS C 59 32.75 12.93 1.68
CA LYS C 59 31.52 13.44 1.11
C LYS C 59 31.90 14.50 0.08
N TYR C 60 31.18 14.50 -1.02
CA TYR C 60 31.56 15.19 -2.24
C TYR C 60 30.67 16.40 -2.42
N LYS C 61 31.28 17.54 -2.64
CA LYS C 61 30.57 18.80 -2.74
C LYS C 61 30.46 19.10 -4.22
N VAL C 62 29.25 19.40 -4.67
CA VAL C 62 28.98 19.62 -6.09
C VAL C 62 28.46 21.05 -6.28
N LYS C 63 28.93 21.72 -7.35
CA LYS C 63 28.35 22.98 -7.84
C LYS C 63 27.54 22.62 -9.08
N PHE C 64 26.23 22.72 -8.95
CA PHE C 64 25.33 22.40 -10.05
C PHE C 64 25.34 23.54 -11.05
N ASP C 65 25.06 23.23 -12.32
CA ASP C 65 24.92 24.33 -13.28
C ASP C 65 23.90 25.37 -12.80
N ASN C 66 22.86 24.96 -12.02
CA ASN C 66 21.96 25.89 -11.30
C ASN C 66 22.75 27.04 -10.70
N LYS C 67 23.98 26.75 -10.27
CA LYS C 67 24.84 27.50 -9.36
C LYS C 67 24.61 27.16 -7.88
N GLY C 68 23.63 26.34 -7.53
CA GLY C 68 23.51 25.88 -6.16
C GLY C 68 24.62 24.88 -5.84
N LYS C 69 24.67 24.45 -4.57
CA LYS C 69 25.71 23.52 -4.13
C LYS C 69 25.19 22.59 -3.05
N SER C 70 25.76 21.39 -2.99
CA SER C 70 25.36 20.36 -2.04
C SER C 70 26.59 19.61 -1.60
N LEU C 71 26.51 18.96 -0.45
CA LEU C 71 27.56 18.06 -0.04
C LEU C 71 26.95 16.67 0.12
N LEU C 72 27.43 15.70 -0.69
CA LEU C 72 26.69 14.50 -1.08
C LEU C 72 27.43 13.18 -0.87
N SER C 73 26.73 12.16 -0.41
CA SER C 73 27.37 10.87 -0.17
CA SER C 73 27.36 10.87 -0.16
C SER C 73 27.81 10.25 -1.50
N GLY C 74 28.70 9.26 -1.40
CA GLY C 74 29.22 8.64 -2.59
C GLY C 74 28.16 8.12 -3.53
N ASN C 75 27.00 7.72 -3.00
CA ASN C 75 25.99 7.08 -3.81
C ASN C 75 24.94 8.05 -4.33
N HIS C 76 25.07 9.34 -4.05
CA HIS C 76 24.19 10.34 -4.64
C HIS C 76 24.94 11.12 -5.71
N ILE C 77 25.88 10.45 -6.35
CA ILE C 77 26.57 11.02 -7.50
C ILE C 77 26.81 9.93 -8.51
N ALA C 78 26.83 10.35 -9.77
CA ALA C 78 27.10 9.43 -10.85
C ALA C 78 27.95 10.16 -11.87
N TYR C 79 28.78 9.40 -12.56
CA TYR C 79 29.65 10.02 -13.53
C TYR C 79 28.83 10.49 -14.72
N ASP C 80 29.28 11.57 -15.35
CA ASP C 80 28.69 12.11 -16.58
C ASP C 80 29.25 11.40 -17.82
N TYR C 81 29.19 10.06 -17.80
CA TYR C 81 29.48 9.26 -18.97
C TYR C 81 28.54 8.07 -18.92
N HIS C 82 28.39 7.34 -20.08
CA HIS C 82 27.55 6.15 -20.14
C HIS C 82 28.40 4.90 -19.91
N PRO C 83 27.81 3.81 -19.43
CA PRO C 83 28.61 2.65 -19.11
C PRO C 83 28.80 1.76 -20.31
N PRO C 84 29.98 1.16 -20.43
CA PRO C 84 30.12 0.04 -21.36
C PRO C 84 29.27 -1.11 -20.89
N ALA C 85 28.18 -1.37 -21.60
CA ALA C 85 27.43 -2.58 -21.36
C ALA C 85 28.38 -3.75 -21.28
N ASP C 86 27.96 -4.74 -20.51
CA ASP C 86 28.82 -5.83 -20.09
C ASP C 86 29.74 -5.44 -18.94
N LYS C 87 29.86 -4.16 -18.61
CA LYS C 87 30.24 -3.71 -17.28
C LYS C 87 29.02 -3.61 -16.36
N LEU C 88 27.82 -3.79 -16.91
CA LEU C 88 26.56 -3.60 -16.19
C LEU C 88 25.87 -4.92 -16.01
N TYR C 89 25.27 -5.11 -14.85
CA TYR C 89 24.72 -6.39 -14.49
C TYR C 89 23.52 -6.17 -13.58
N VAL C 90 22.73 -7.23 -13.43
CA VAL C 90 21.53 -7.11 -12.62
C VAL C 90 21.93 -6.76 -11.19
N GLY C 91 21.33 -5.69 -10.68
CA GLY C 91 21.66 -5.11 -9.41
C GLY C 91 22.53 -3.88 -9.53
N SER C 92 23.08 -3.61 -10.70
CA SER C 92 23.88 -2.41 -10.82
C SER C 92 23.03 -1.23 -10.42
N ARG C 93 23.66 -0.20 -9.86
CA ARG C 93 22.96 1.01 -9.41
C ARG C 93 23.26 2.13 -10.38
N VAL C 94 22.21 2.62 -11.05
CA VAL C 94 22.38 3.56 -12.14
C VAL C 94 21.30 4.63 -12.10
N VAL C 95 21.58 5.73 -12.80
CA VAL C 95 20.64 6.83 -13.00
C VAL C 95 20.23 6.79 -14.46
N ALA C 96 18.94 6.64 -14.72
CA ALA C 96 18.47 6.51 -16.09
C ALA C 96 17.61 7.69 -16.49
N LYS C 97 17.46 7.90 -17.79
CA LYS C 97 16.62 8.95 -18.31
C LYS C 97 15.15 8.55 -18.27
N TYR C 98 14.34 9.45 -17.79
CA TYR C 98 12.91 9.29 -17.70
C TYR C 98 12.36 10.38 -18.61
N LYS C 99 11.21 10.12 -19.25
CA LYS C 99 10.69 11.03 -20.30
C LYS C 99 9.30 11.53 -19.94
N ASP C 100 9.24 12.61 -19.13
CA ASP C 100 7.98 13.15 -18.60
C ASP C 100 7.21 13.81 -19.73
N GLY C 101 6.35 13.02 -20.39
CA GLY C 101 5.74 13.51 -21.60
C GLY C 101 6.83 13.89 -22.59
N ASN C 102 7.04 15.19 -22.68
CA ASN C 102 7.91 15.81 -23.67
C ASN C 102 9.22 16.31 -23.10
N GLN C 103 9.25 16.75 -21.83
CA GLN C 103 10.50 17.08 -21.10
C GLN C 103 11.27 15.79 -20.79
N VAL C 104 12.39 15.91 -20.07
CA VAL C 104 13.11 14.70 -19.64
C VAL C 104 13.81 14.98 -18.31
N TRP C 105 14.00 13.90 -17.53
CA TRP C 105 14.49 13.94 -16.15
C TRP C 105 15.48 12.80 -15.94
N LEU C 106 16.23 12.83 -14.82
CA LEU C 106 17.14 11.74 -14.48
C LEU C 106 16.85 11.23 -13.08
N TYR C 107 16.59 9.95 -12.96
CA TYR C 107 16.12 9.38 -11.72
C TYR C 107 16.83 8.07 -11.46
N ALA C 108 16.98 7.75 -10.18
CA ALA C 108 17.86 6.67 -9.76
C ALA C 108 17.12 5.34 -9.85
N GLY C 109 17.88 4.25 -10.06
CA GLY C 109 17.26 2.92 -10.15
C GLY C 109 18.25 1.79 -10.37
N ILE C 110 17.72 0.57 -10.25
CA ILE C 110 18.49 -0.68 -10.34
C ILE C 110 18.19 -1.37 -11.67
N VAL C 111 19.22 -1.97 -12.27
CA VAL C 111 19.05 -2.72 -13.52
C VAL C 111 18.42 -4.07 -13.22
N ALA C 112 17.43 -4.48 -14.02
CA ALA C 112 16.71 -5.73 -13.83
C ALA C 112 16.69 -6.65 -15.05
N GLU C 113 17.05 -6.14 -16.23
CA GLU C 113 17.38 -6.95 -17.40
C GLU C 113 18.52 -6.31 -18.16
N THR C 114 19.40 -7.13 -18.63
CA THR C 114 20.40 -6.73 -19.59
C THR C 114 19.91 -7.00 -21.02
N PRO C 115 20.48 -6.34 -22.03
CA PRO C 115 20.06 -6.60 -23.41
C PRO C 115 20.06 -8.09 -23.72
N ASN C 116 19.00 -8.54 -24.37
CA ASN C 116 18.97 -9.88 -24.92
C ASN C 116 18.05 -9.86 -26.15
N VAL C 117 17.62 -11.06 -26.53
CA VAL C 117 16.79 -11.23 -27.71
C VAL C 117 15.36 -10.81 -27.44
N LYS C 118 14.69 -11.51 -26.53
CA LYS C 118 13.27 -11.28 -26.28
C LYS C 118 12.95 -9.82 -25.93
N ASN C 119 13.92 -9.01 -25.49
CA ASN C 119 13.59 -7.65 -25.06
C ASN C 119 14.11 -6.57 -26.00
N LYS C 120 14.54 -6.92 -27.20
CA LYS C 120 14.98 -5.96 -28.22
C LYS C 120 16.28 -5.28 -27.85
N LEU C 121 17.11 -5.90 -27.02
CA LEU C 121 18.43 -5.36 -26.63
C LEU C 121 18.29 -4.00 -25.93
N ARG C 122 17.48 -3.99 -24.88
CA ARG C 122 17.37 -2.87 -23.97
C ARG C 122 17.55 -3.41 -22.55
N PHE C 123 17.95 -2.52 -21.63
CA PHE C 123 17.94 -2.78 -20.19
C PHE C 123 16.57 -2.47 -19.60
N LEU C 124 16.12 -3.29 -18.67
CA LEU C 124 14.93 -2.99 -17.88
C LEU C 124 15.33 -2.36 -16.56
N ILE C 125 15.17 -1.05 -16.47
CA ILE C 125 15.44 -0.32 -15.24
C ILE C 125 14.22 -0.42 -14.34
N PHE C 126 14.46 -0.80 -13.09
CA PHE C 126 13.52 -0.54 -12.01
C PHE C 126 13.93 0.75 -11.32
N PHE C 127 13.02 1.74 -11.32
CA PHE C 127 13.29 3.05 -10.73
C PHE C 127 12.95 3.05 -9.23
N ASP C 128 13.69 3.89 -8.46
CA ASP C 128 13.57 3.93 -6.99
C ASP C 128 12.11 4.02 -6.51
N ASP C 129 11.22 4.60 -7.31
CA ASP C 129 9.88 4.93 -6.86
C ASP C 129 8.82 3.91 -7.25
N GLY C 130 9.19 2.86 -7.98
CA GLY C 130 8.28 1.81 -8.41
C GLY C 130 8.15 1.66 -9.91
N TYR C 131 8.36 2.73 -10.66
CA TYR C 131 8.17 2.68 -12.09
C TYR C 131 9.30 1.91 -12.77
N ALA C 132 8.92 1.19 -13.81
CA ALA C 132 9.84 0.37 -14.58
C ALA C 132 9.65 0.64 -16.07
N SER C 133 10.76 0.73 -16.77
CA SER C 133 10.70 0.92 -18.21
C SER C 133 11.92 0.29 -18.86
N TYR C 134 11.92 0.25 -20.19
CA TYR C 134 13.08 -0.20 -20.96
C TYR C 134 13.87 1.01 -21.45
N VAL C 135 15.21 0.93 -21.34
CA VAL C 135 16.09 1.98 -21.83
C VAL C 135 17.34 1.35 -22.44
N THR C 136 18.06 2.15 -23.23
CA THR C 136 19.29 1.73 -23.90
C THR C 136 20.50 2.11 -23.06
N GLN C 137 21.70 1.82 -23.60
CA GLN C 137 22.98 2.18 -22.99
C GLN C 137 23.41 3.63 -23.28
N SER C 138 22.65 4.39 -24.07
CA SER C 138 22.90 5.82 -24.26
C SER C 138 21.97 6.64 -23.40
N GLU C 139 21.39 6.01 -22.39
CA GLU C 139 20.48 6.66 -21.46
C GLU C 139 20.86 6.39 -20.01
N LEU C 140 21.92 5.62 -19.76
CA LEU C 140 22.33 5.25 -18.42
C LEU C 140 23.57 5.99 -17.98
N TYR C 141 23.60 6.43 -16.73
CA TYR C 141 24.81 6.86 -16.04
C TYR C 141 25.00 6.00 -14.77
N PRO C 142 26.25 5.68 -14.42
CA PRO C 142 26.51 4.87 -13.22
C PRO C 142 26.76 5.70 -11.98
N ILE C 143 26.25 5.20 -10.87
CA ILE C 143 26.44 5.84 -9.57
C ILE C 143 27.85 5.48 -9.07
N CYS C 144 28.58 6.51 -8.63
CA CYS C 144 30.02 6.39 -8.37
C CYS C 144 30.35 5.42 -7.26
N ARG C 145 29.58 5.41 -6.19
CA ARG C 145 29.93 4.60 -5.03
C ARG C 145 28.66 4.06 -4.42
N PRO C 146 28.02 3.13 -5.11
CA PRO C 146 26.85 2.45 -4.57
C PRO C 146 27.18 1.74 -3.28
N LEU C 147 26.15 1.32 -2.57
CA LEU C 147 26.36 0.53 -1.38
C LEU C 147 26.55 -0.93 -1.74
N LYS C 148 27.25 -1.65 -0.85
CA LYS C 148 27.55 -3.04 -1.12
C LYS C 148 26.28 -3.80 -1.47
N LYS C 149 25.22 -3.63 -0.67
CA LYS C 149 23.88 -4.08 -1.02
C LYS C 149 23.26 -2.90 -1.75
N THR C 150 23.36 -2.91 -3.08
CA THR C 150 22.94 -1.78 -3.88
C THR C 150 21.62 -1.18 -3.42
N TRP C 151 20.61 -2.01 -3.16
CA TRP C 151 19.26 -1.54 -2.79
C TRP C 151 19.16 -0.97 -1.41
N GLU C 152 20.17 -0.78 -0.56
CA GLU C 152 19.87 -0.31 0.79
C GLU C 152 19.58 1.18 0.81
N ASP C 153 19.94 1.92 -0.25
CA ASP C 153 19.65 3.35 -0.29
C ASP C 153 18.33 3.66 -0.99
N ILE C 154 17.41 2.72 -1.04
CA ILE C 154 16.09 2.95 -1.62
C ILE C 154 15.19 3.33 -0.47
N GLU C 155 14.70 4.57 -0.48
CA GLU C 155 13.91 5.05 0.65
C GLU C 155 12.64 4.20 0.84
N ASP C 156 11.77 4.14 -0.19
CA ASP C 156 10.47 3.48 -0.02
C ASP C 156 10.68 2.00 0.31
N ILE C 157 10.14 1.54 1.45
CA ILE C 157 10.43 0.18 1.89
C ILE C 157 9.79 -0.87 0.99
N SER C 158 8.55 -0.67 0.56
CA SER C 158 7.98 -1.69 -0.32
C SER C 158 8.84 -1.86 -1.57
N CYS C 159 9.26 -0.73 -2.18
CA CYS C 159 10.23 -0.79 -3.28
C CYS C 159 11.50 -1.55 -2.90
N ARG C 160 12.15 -1.18 -1.78
CA ARG C 160 13.41 -1.84 -1.43
C ARG C 160 13.22 -3.33 -1.21
N ASP C 161 12.19 -3.71 -0.46
CA ASP C 161 12.09 -5.12 -0.12
C ASP C 161 11.75 -5.97 -1.35
N PHE C 162 11.12 -5.38 -2.36
CA PHE C 162 11.00 -6.02 -3.66
C PHE C 162 12.38 -6.24 -4.26
N ILE C 163 13.02 -5.15 -4.67
CA ILE C 163 14.35 -5.14 -5.26
C ILE C 163 15.27 -6.11 -4.52
N GLU C 164 15.08 -6.28 -3.23
CA GLU C 164 15.95 -7.22 -2.53
C GLU C 164 15.57 -8.63 -2.88
N GLU C 165 14.29 -8.94 -2.83
CA GLU C 165 13.87 -10.28 -3.18
C GLU C 165 14.26 -10.60 -4.62
N TYR C 166 14.04 -9.65 -5.52
CA TYR C 166 14.22 -9.91 -6.94
C TYR C 166 15.67 -10.14 -7.30
N VAL C 167 16.58 -9.29 -6.82
CA VAL C 167 18.01 -9.51 -7.12
C VAL C 167 18.54 -10.79 -6.45
N THR C 168 18.01 -11.14 -5.28
CA THR C 168 18.45 -12.37 -4.64
C THR C 168 18.08 -13.52 -5.56
N ALA C 169 16.76 -13.78 -5.64
CA ALA C 169 16.19 -14.93 -6.35
C ALA C 169 16.66 -15.02 -7.79
N TYR C 170 16.78 -13.90 -8.45
CA TYR C 170 17.28 -13.87 -9.82
C TYR C 170 18.40 -14.88 -10.03
N PRO C 171 18.30 -15.76 -11.07
CA PRO C 171 17.40 -15.54 -12.20
C PRO C 171 16.00 -16.20 -12.13
N ASN C 172 15.65 -17.01 -11.16
CA ASN C 172 14.25 -17.37 -11.03
C ASN C 172 13.37 -16.11 -10.96
N ARG C 173 12.51 -15.86 -11.98
CA ARG C 173 11.62 -14.68 -12.05
C ARG C 173 10.17 -15.04 -12.32
N PRO C 174 9.38 -15.26 -11.29
CA PRO C 174 7.95 -15.62 -11.48
C PRO C 174 7.17 -14.53 -12.20
N MET C 175 6.68 -14.88 -13.38
CA MET C 175 5.87 -13.97 -14.18
C MET C 175 4.57 -14.66 -14.57
N VAL C 176 3.56 -13.82 -14.95
CA VAL C 176 2.36 -14.30 -15.65
C VAL C 176 2.52 -14.00 -17.13
N LEU C 177 1.99 -14.89 -17.94
CA LEU C 177 1.83 -14.65 -19.34
C LEU C 177 0.48 -13.98 -19.54
N LEU C 178 0.45 -12.92 -20.35
CA LEU C 178 -0.79 -12.19 -20.59
C LEU C 178 -0.93 -11.84 -22.07
N LYS C 179 -2.14 -12.03 -22.60
CA LYS C 179 -2.45 -11.76 -24.01
C LYS C 179 -3.20 -10.45 -24.15
N SER C 180 -2.82 -9.67 -25.18
CA SER C 180 -3.57 -8.47 -25.53
C SER C 180 -5.08 -8.71 -25.54
N GLY C 181 -5.87 -7.71 -25.19
CA GLY C 181 -7.30 -7.89 -25.06
C GLY C 181 -7.77 -8.57 -23.79
N GLN C 182 -6.88 -9.18 -23.01
CA GLN C 182 -7.27 -9.98 -21.85
C GLN C 182 -7.70 -9.10 -20.67
N LEU C 183 -8.77 -9.50 -19.97
CA LEU C 183 -9.29 -8.73 -18.85
C LEU C 183 -8.84 -9.31 -17.51
N ILE C 184 -8.21 -8.46 -16.68
CA ILE C 184 -7.74 -8.83 -15.36
C ILE C 184 -8.12 -7.74 -14.36
N LYS C 185 -7.74 -7.96 -13.11
CA LYS C 185 -7.79 -6.95 -12.07
C LYS C 185 -6.37 -6.41 -11.86
N THR C 186 -6.27 -5.09 -11.68
CA THR C 186 -4.98 -4.43 -11.49
C THR C 186 -5.11 -3.41 -10.37
N GLU C 187 -4.28 -3.54 -9.33
CA GLU C 187 -4.34 -2.64 -8.18
C GLU C 187 -3.91 -1.20 -8.54
N TRP C 188 -4.63 -0.22 -7.98
CA TRP C 188 -4.15 1.15 -7.92
C TRP C 188 -4.80 1.79 -6.72
N GLU C 189 -3.97 2.14 -5.73
CA GLU C 189 -4.40 2.68 -4.44
C GLU C 189 -5.16 1.60 -3.64
N GLY C 190 -4.47 0.47 -3.45
CA GLY C 190 -4.94 -0.54 -2.53
C GLY C 190 -6.31 -1.10 -2.86
N THR C 191 -6.76 -0.96 -4.10
CA THR C 191 -8.11 -1.38 -4.48
C THR C 191 -8.10 -1.84 -5.94
N TRP C 192 -8.65 -3.05 -6.20
CA TRP C 192 -8.59 -3.66 -7.54
C TRP C 192 -9.55 -2.98 -8.51
N TRP C 193 -9.14 -2.96 -9.79
CA TRP C 193 -9.81 -2.21 -10.84
C TRP C 193 -10.08 -3.11 -12.03
N LYS C 194 -11.24 -2.94 -12.67
CA LYS C 194 -11.43 -3.54 -13.98
C LYS C 194 -10.32 -3.02 -14.87
N SER C 195 -9.63 -3.93 -15.55
CA SER C 195 -8.54 -3.47 -16.40
C SER C 195 -8.27 -4.46 -17.53
N ARG C 196 -7.78 -3.93 -18.65
CA ARG C 196 -7.61 -4.69 -19.88
C ARG C 196 -6.18 -4.52 -20.37
N VAL C 197 -5.52 -5.65 -20.60
CA VAL C 197 -4.24 -5.61 -21.30
C VAL C 197 -4.40 -4.93 -22.65
N GLU C 198 -3.43 -4.10 -23.00
CA GLU C 198 -3.35 -3.55 -24.35
C GLU C 198 -2.16 -4.07 -25.12
N GLU C 199 -1.02 -4.26 -24.47
CA GLU C 199 0.18 -4.64 -25.20
C GLU C 199 1.17 -5.29 -24.25
N VAL C 200 2.07 -6.10 -24.82
CA VAL C 200 3.06 -6.84 -24.05
C VAL C 200 4.42 -6.61 -24.71
N ASP C 201 5.38 -6.10 -23.92
CA ASP C 201 6.72 -5.72 -24.38
C ASP C 201 7.70 -6.37 -23.42
N GLY C 202 8.15 -7.58 -23.73
CA GLY C 202 9.13 -8.23 -22.85
C GLY C 202 8.54 -8.46 -21.46
N SER C 203 9.28 -8.06 -20.43
CA SER C 203 8.85 -8.31 -19.05
C SER C 203 7.75 -7.36 -18.59
N LEU C 204 7.50 -6.27 -19.35
CA LEU C 204 6.49 -5.28 -19.03
C LEU C 204 5.21 -5.63 -19.76
N VAL C 205 4.09 -5.23 -19.17
CA VAL C 205 2.78 -5.25 -19.81
C VAL C 205 2.17 -3.87 -19.65
N ARG C 206 1.51 -3.36 -20.70
CA ARG C 206 0.76 -2.12 -20.58
C ARG C 206 -0.67 -2.47 -20.29
N ILE C 207 -1.23 -1.84 -19.28
CA ILE C 207 -2.56 -2.17 -18.80
C ILE C 207 -3.39 -0.92 -19.03
N LEU C 208 -4.67 -1.10 -19.24
CA LEU C 208 -5.61 0.00 -19.31
C LEU C 208 -6.58 -0.15 -18.14
N PHE C 209 -6.62 0.87 -17.28
CA PHE C 209 -7.67 0.94 -16.26
C PHE C 209 -8.93 1.41 -16.94
N LEU C 210 -9.97 0.59 -16.88
CA LEU C 210 -11.09 0.80 -17.79
C LEU C 210 -11.88 2.02 -17.40
N ASP C 211 -12.05 2.22 -16.10
CA ASP C 211 -12.90 3.29 -15.61
C ASP C 211 -12.28 4.65 -15.94
N ASP C 212 -11.03 4.88 -15.51
CA ASP C 212 -10.43 6.21 -15.61
C ASP C 212 -9.56 6.39 -16.85
N LYS C 213 -9.26 5.34 -17.60
CA LYS C 213 -8.51 5.45 -18.85
C LYS C 213 -7.09 5.93 -18.65
N ARG C 214 -6.51 5.63 -17.50
CA ARG C 214 -5.08 5.62 -17.36
C ARG C 214 -4.53 4.33 -17.93
N CYS C 215 -3.35 4.44 -18.56
CA CYS C 215 -2.56 3.30 -18.97
C CYS C 215 -1.23 3.33 -18.25
N GLU C 216 -0.70 2.16 -17.92
CA GLU C 216 0.41 2.07 -16.99
C GLU C 216 1.25 0.85 -17.34
N TRP C 217 2.56 1.03 -17.53
CA TRP C 217 3.45 -0.09 -17.80
C TRP C 217 3.84 -0.79 -16.50
N ILE C 218 3.67 -2.11 -16.48
CA ILE C 218 3.89 -2.94 -15.30
C ILE C 218 4.72 -4.18 -15.63
N TYR C 219 5.65 -4.54 -14.73
CA TYR C 219 6.50 -5.72 -14.92
C TYR C 219 5.68 -6.96 -14.65
N ARG C 220 5.65 -7.88 -15.63
CA ARG C 220 4.65 -8.93 -15.62
C ARG C 220 4.74 -9.79 -14.39
N GLY C 221 5.87 -9.76 -13.69
CA GLY C 221 5.94 -10.44 -12.40
C GLY C 221 5.60 -9.61 -11.18
N SER C 222 4.84 -8.53 -11.37
CA SER C 222 4.27 -7.75 -10.27
C SER C 222 2.98 -8.32 -9.72
N THR C 223 2.82 -8.27 -8.41
CA THR C 223 1.57 -8.75 -7.83
C THR C 223 0.42 -7.74 -7.94
N ARG C 224 0.65 -6.58 -8.56
CA ARG C 224 -0.47 -5.68 -8.82
C ARG C 224 -1.39 -6.27 -9.88
N LEU C 225 -0.85 -7.09 -10.77
CA LEU C 225 -1.64 -7.82 -11.75
C LEU C 225 -2.25 -9.00 -11.02
N GLU C 226 -3.58 -9.07 -10.98
CA GLU C 226 -4.26 -10.13 -10.22
C GLU C 226 -3.91 -11.58 -10.60
N PRO C 227 -3.62 -11.91 -11.87
CA PRO C 227 -3.09 -13.27 -12.13
C PRO C 227 -1.84 -13.61 -11.32
N MET C 228 -0.82 -12.74 -11.37
CA MET C 228 0.46 -12.98 -10.66
C MET C 228 0.29 -13.01 -9.14
N PHE C 229 -0.73 -12.34 -8.62
CA PHE C 229 -0.94 -12.27 -7.18
C PHE C 229 -1.63 -13.53 -6.64
N SER C 230 -2.65 -14.02 -7.35
CA SER C 230 -3.29 -15.25 -6.93
C SER C 230 -2.29 -16.39 -6.94
N MET C 231 -1.46 -16.45 -8.00
CA MET C 231 -0.32 -17.34 -8.04
C MET C 231 0.38 -17.34 -6.67
N LYS C 232 0.83 -16.16 -6.22
CA LYS C 232 1.50 -16.01 -4.93
C LYS C 232 0.67 -16.55 -3.76
N THR C 233 -0.65 -16.74 -3.95
CA THR C 233 -1.56 -17.20 -2.90
C THR C 233 -2.18 -18.56 -3.27
N GLY D 19 -13.51 -24.12 25.42
CA GLY D 19 -12.43 -23.18 25.19
C GLY D 19 -11.44 -23.60 24.11
N GLY D 20 -10.25 -24.01 24.55
CA GLY D 20 -9.17 -24.40 23.64
C GLY D 20 -7.77 -23.87 23.97
N GLU D 21 -7.58 -23.29 25.18
CA GLU D 21 -6.35 -22.56 25.55
C GLU D 21 -5.28 -23.52 26.09
N LEU D 22 -4.29 -23.85 25.24
CA LEU D 22 -3.15 -24.67 25.60
C LEU D 22 -1.95 -23.78 26.04
N SER D 23 -1.02 -24.39 26.78
CA SER D 23 0.35 -23.89 26.94
C SER D 23 1.40 -24.91 26.50
N LYS D 24 1.02 -26.20 26.34
CA LYS D 24 1.89 -27.30 25.88
C LYS D 24 1.18 -28.04 24.73
N ASP D 25 1.95 -28.45 23.72
CA ASP D 25 1.49 -29.40 22.69
C ASP D 25 2.71 -30.29 22.37
N GLY D 26 2.83 -31.40 23.09
CA GLY D 26 4.04 -32.22 23.00
C GLY D 26 5.21 -31.49 23.63
N ASP D 27 6.33 -31.44 22.90
CA ASP D 27 7.49 -30.67 23.32
C ASP D 27 7.44 -29.23 22.84
N LEU D 28 6.46 -28.86 21.99
CA LEU D 28 6.09 -27.46 21.88
C LEU D 28 5.54 -26.99 23.21
N ILE D 29 5.71 -25.70 23.48
CA ILE D 29 5.30 -25.10 24.74
C ILE D 29 5.41 -23.59 24.49
N VAL D 30 4.49 -22.82 25.07
CA VAL D 30 4.65 -21.39 25.08
C VAL D 30 6.02 -21.04 25.67
N SER D 31 6.57 -19.89 25.26
CA SER D 31 7.83 -19.31 25.74
C SER D 31 9.09 -19.77 25.00
N MET D 32 9.00 -20.70 24.08
CA MET D 32 10.27 -21.25 23.63
C MET D 32 10.84 -20.44 22.48
N ARG D 33 12.07 -20.78 22.13
CA ARG D 33 12.74 -20.15 20.98
C ARG D 33 12.42 -20.97 19.73
N ILE D 34 11.76 -20.32 18.78
CA ILE D 34 11.12 -20.95 17.65
C ILE D 34 11.52 -20.21 16.38
N LEU D 35 11.34 -20.89 15.25
CA LEU D 35 11.49 -20.31 13.92
C LEU D 35 10.14 -20.17 13.22
N GLY D 36 9.96 -19.07 12.49
CA GLY D 36 8.63 -18.71 12.04
C GLY D 36 8.50 -18.03 10.69
N LYS D 37 7.70 -18.66 9.83
CA LYS D 37 7.57 -18.19 8.47
C LYS D 37 7.19 -16.72 8.45
N LYS D 38 7.34 -16.11 7.30
CA LYS D 38 7.06 -14.70 7.11
C LYS D 38 6.73 -14.51 5.63
N ARG D 39 5.84 -13.57 5.36
CA ARG D 39 5.26 -13.44 4.02
C ARG D 39 6.30 -13.30 2.90
N THR D 40 7.60 -13.11 3.19
CA THR D 40 8.61 -13.31 2.15
C THR D 40 8.89 -14.78 1.88
N LYS D 41 8.38 -15.68 2.72
CA LYS D 41 8.66 -17.11 2.81
C LYS D 41 9.97 -17.36 3.54
N THR D 42 10.71 -16.30 3.91
CA THR D 42 11.94 -16.41 4.71
C THR D 42 11.60 -16.57 6.18
N TRP D 43 12.34 -17.44 6.85
CA TRP D 43 12.00 -17.77 8.22
C TRP D 43 12.90 -16.95 9.13
N HIS D 44 12.46 -16.79 10.38
CA HIS D 44 13.16 -15.91 11.33
C HIS D 44 13.04 -16.46 12.74
N LYS D 45 13.63 -15.73 13.72
CA LYS D 45 13.59 -16.10 15.14
C LYS D 45 12.68 -15.13 15.93
N GLY D 46 12.27 -15.64 17.10
CA GLY D 46 11.24 -15.03 17.95
C GLY D 46 10.85 -16.00 19.05
N THR D 47 9.62 -15.87 19.54
CA THR D 47 9.13 -16.85 20.52
C THR D 47 7.62 -17.02 20.43
N LEU D 48 7.18 -18.22 20.81
CA LEU D 48 5.76 -18.60 20.83
C LEU D 48 5.08 -18.10 22.10
N ILE D 49 3.97 -17.36 21.92
CA ILE D 49 3.21 -16.86 23.07
C ILE D 49 2.03 -17.77 23.43
N ALA D 50 1.04 -17.99 22.54
CA ALA D 50 -0.19 -18.67 22.97
C ALA D 50 -0.61 -19.81 22.03
N ILE D 51 -0.37 -21.05 22.46
CA ILE D 51 -1.02 -22.20 21.83
C ILE D 51 -2.52 -22.02 22.01
N GLN D 52 -3.31 -22.35 20.97
CA GLN D 52 -4.76 -22.18 21.03
C GLN D 52 -5.43 -22.97 19.90
N THR D 53 -6.17 -24.02 20.25
CA THR D 53 -6.90 -24.81 19.25
C THR D 53 -8.08 -24.02 18.69
N VAL D 54 -8.09 -23.84 17.37
CA VAL D 54 -9.14 -23.12 16.64
C VAL D 54 -9.57 -23.99 15.46
N GLY D 55 -10.83 -24.44 15.48
CA GLY D 55 -11.30 -25.40 14.51
C GLY D 55 -10.62 -26.75 14.70
N PRO D 56 -10.42 -27.50 13.60
CA PRO D 56 -9.97 -28.90 13.74
C PRO D 56 -8.67 -29.01 14.50
N GLY D 57 -7.70 -28.13 14.20
CA GLY D 57 -6.35 -28.26 14.70
C GLY D 57 -5.97 -27.14 15.66
N LYS D 58 -4.68 -26.82 15.68
CA LYS D 58 -4.12 -25.79 16.56
C LYS D 58 -3.48 -24.69 15.73
N LYS D 59 -3.38 -23.51 16.33
CA LYS D 59 -2.62 -22.42 15.75
C LYS D 59 -1.63 -21.89 16.80
N TYR D 60 -0.48 -21.40 16.32
CA TYR D 60 0.62 -20.89 17.16
C TYR D 60 1.01 -19.49 16.71
N LYS D 61 0.99 -18.53 17.64
CA LYS D 61 1.32 -17.13 17.37
C LYS D 61 2.73 -16.80 17.89
N VAL D 62 3.47 -15.99 17.13
CA VAL D 62 4.86 -15.74 17.46
C VAL D 62 5.12 -14.27 17.74
N LYS D 63 6.21 -14.03 18.46
CA LYS D 63 6.75 -12.70 18.67
C LYS D 63 8.11 -12.61 17.95
N PHE D 64 8.14 -11.82 16.85
CA PHE D 64 9.33 -11.66 16.00
C PHE D 64 10.21 -10.52 16.48
N ASP D 65 11.52 -10.79 16.52
CA ASP D 65 12.51 -9.81 16.99
C ASP D 65 12.71 -8.72 15.92
N ASN D 66 11.76 -8.61 14.98
CA ASN D 66 11.60 -7.41 14.15
C ASN D 66 10.27 -6.74 14.52
N LYS D 67 9.95 -6.84 15.81
CA LYS D 67 8.82 -6.18 16.49
C LYS D 67 7.48 -6.81 16.11
N GLY D 68 7.47 -7.72 15.10
CA GLY D 68 6.24 -8.28 14.59
C GLY D 68 5.72 -9.50 15.34
N LYS D 69 4.44 -9.76 15.11
CA LYS D 69 3.81 -11.02 15.49
C LYS D 69 2.97 -11.50 14.32
N SER D 70 2.65 -12.79 14.33
CA SER D 70 1.80 -13.37 13.31
C SER D 70 1.40 -14.77 13.77
N LEU D 71 0.26 -15.25 13.25
CA LEU D 71 -0.23 -16.60 13.53
C LEU D 71 0.27 -17.57 12.46
N LEU D 72 0.55 -18.82 12.88
CA LEU D 72 1.19 -19.78 11.98
C LEU D 72 0.77 -21.21 12.30
N SER D 73 0.30 -21.91 11.29
CA SER D 73 0.05 -23.35 11.40
CA SER D 73 0.05 -23.34 11.41
C SER D 73 1.34 -24.09 11.80
N GLY D 74 1.18 -25.16 12.59
CA GLY D 74 2.31 -25.92 13.14
C GLY D 74 3.27 -26.48 12.10
N ASN D 75 2.88 -26.50 10.82
CA ASN D 75 3.84 -26.73 9.74
C ASN D 75 4.64 -25.48 9.37
N HIS D 76 4.06 -24.29 9.53
CA HIS D 76 4.73 -23.03 9.25
C HIS D 76 5.73 -22.61 10.34
N ILE D 77 5.97 -23.44 11.36
CA ILE D 77 6.83 -23.08 12.48
C ILE D 77 7.79 -24.24 12.72
N ALA D 78 9.07 -23.92 12.90
CA ALA D 78 10.12 -24.91 13.05
C ALA D 78 10.87 -24.66 14.35
N TYR D 79 11.46 -25.73 14.89
CA TYR D 79 12.24 -25.61 16.12
C TYR D 79 13.58 -24.95 15.87
N ASP D 80 14.12 -24.30 16.90
CA ASP D 80 15.44 -23.68 16.84
C ASP D 80 16.53 -24.59 17.41
N TYR D 81 16.69 -25.75 16.78
CA TYR D 81 17.84 -26.58 17.08
C TYR D 81 18.21 -27.33 15.83
N HIS D 82 19.49 -27.67 15.72
CA HIS D 82 19.96 -28.46 14.59
C HIS D 82 19.72 -29.93 14.87
N PRO D 83 18.79 -30.58 14.17
CA PRO D 83 18.64 -32.03 14.31
C PRO D 83 19.94 -32.74 13.98
N PRO D 84 20.10 -33.94 14.46
CA PRO D 84 21.38 -34.63 14.28
C PRO D 84 21.35 -35.53 13.07
N ALA D 85 22.52 -35.89 12.54
CA ALA D 85 22.63 -36.63 11.29
C ALA D 85 22.16 -38.09 11.42
N ASP D 86 21.15 -38.44 10.60
CA ASP D 86 20.35 -39.67 10.71
C ASP D 86 19.49 -39.66 11.99
N LYS D 87 18.82 -38.52 12.19
CA LYS D 87 17.39 -38.47 12.49
C LYS D 87 16.69 -37.91 11.25
N LEU D 88 17.42 -37.97 10.13
CA LEU D 88 17.15 -37.27 8.89
C LEU D 88 17.29 -38.26 7.74
N TYR D 89 16.29 -38.21 6.86
CA TYR D 89 16.07 -39.19 5.83
C TYR D 89 15.41 -38.48 4.66
N VAL D 90 15.57 -39.03 3.45
CA VAL D 90 14.98 -38.45 2.26
C VAL D 90 13.50 -38.19 2.58
N GLY D 91 13.11 -36.92 2.57
CA GLY D 91 11.73 -36.49 2.79
C GLY D 91 11.53 -35.54 3.98
N SER D 92 12.49 -35.50 4.92
CA SER D 92 12.43 -34.64 6.10
C SER D 92 12.15 -33.18 5.76
N ARG D 93 11.02 -32.64 6.25
CA ARG D 93 10.65 -31.25 6.01
C ARG D 93 11.44 -30.33 6.94
N VAL D 94 12.24 -29.43 6.36
CA VAL D 94 13.25 -28.68 7.09
C VAL D 94 13.14 -27.20 6.74
N VAL D 95 13.83 -26.37 7.55
CA VAL D 95 14.24 -25.01 7.17
C VAL D 95 15.77 -25.02 7.06
N ALA D 96 16.30 -24.30 6.09
CA ALA D 96 17.72 -24.42 5.82
C ALA D 96 18.29 -23.08 5.45
N LYS D 97 19.62 -23.03 5.38
CA LYS D 97 20.37 -21.80 5.18
C LYS D 97 20.84 -21.66 3.73
N TYR D 98 20.23 -20.71 2.99
CA TYR D 98 20.71 -20.28 1.68
C TYR D 98 21.77 -19.17 1.85
N LYS D 99 22.62 -19.01 0.83
CA LYS D 99 23.76 -18.06 0.85
C LYS D 99 23.70 -17.06 -0.31
N ASP D 100 23.13 -15.89 -0.08
CA ASP D 100 22.80 -14.93 -1.14
C ASP D 100 23.94 -13.95 -1.19
N GLY D 101 24.94 -14.26 -2.01
CA GLY D 101 26.15 -13.49 -1.94
C GLY D 101 26.62 -13.48 -0.51
N ASN D 102 26.42 -12.33 0.16
CA ASN D 102 26.91 -12.06 1.51
C ASN D 102 25.88 -12.38 2.60
N GLN D 103 24.60 -12.07 2.35
CA GLN D 103 23.52 -12.26 3.31
C GLN D 103 23.09 -13.73 3.35
N VAL D 104 22.32 -14.07 4.39
CA VAL D 104 21.97 -15.45 4.70
C VAL D 104 20.50 -15.55 5.07
N TRP D 105 19.71 -16.22 4.24
CA TRP D 105 18.28 -16.34 4.45
C TRP D 105 17.92 -17.78 4.80
N LEU D 106 16.87 -17.91 5.61
CA LEU D 106 16.30 -19.21 5.97
C LEU D 106 15.09 -19.49 5.10
N TYR D 107 15.09 -20.66 4.46
CA TYR D 107 14.05 -21.05 3.52
C TYR D 107 13.72 -22.52 3.74
N ALA D 108 12.50 -22.88 3.35
CA ALA D 108 11.91 -24.19 3.66
C ALA D 108 12.07 -25.16 2.49
N GLY D 109 12.32 -26.42 2.81
CA GLY D 109 12.53 -27.41 1.77
C GLY D 109 12.46 -28.83 2.31
N ILE D 110 13.11 -29.73 1.59
CA ILE D 110 13.01 -31.17 1.83
C ILE D 110 14.36 -31.82 1.58
N VAL D 111 14.66 -32.86 2.33
CA VAL D 111 15.97 -33.52 2.21
C VAL D 111 15.94 -34.53 1.06
N ALA D 112 16.86 -34.40 0.11
CA ALA D 112 16.91 -35.27 -1.07
C ALA D 112 18.04 -36.29 -1.02
N GLU D 113 19.07 -36.06 -0.26
CA GLU D 113 20.18 -36.99 -0.19
C GLU D 113 20.68 -36.95 1.23
N THR D 114 20.82 -38.08 1.85
CA THR D 114 21.51 -37.93 3.12
C THR D 114 23.00 -38.03 2.88
N PRO D 115 23.80 -37.49 3.79
CA PRO D 115 25.25 -37.50 3.58
C PRO D 115 25.69 -38.89 3.17
N ASN D 116 26.77 -38.93 2.41
CA ASN D 116 27.43 -40.16 2.03
C ASN D 116 28.68 -39.73 1.27
N VAL D 117 29.38 -40.72 0.77
CA VAL D 117 30.76 -40.50 0.36
C VAL D 117 30.81 -39.66 -0.91
N LYS D 118 29.96 -39.97 -1.91
CA LYS D 118 29.99 -39.23 -3.19
C LYS D 118 29.78 -37.74 -2.97
N ASN D 119 28.80 -37.36 -2.13
CA ASN D 119 28.43 -35.96 -2.00
C ASN D 119 29.21 -35.25 -0.90
N LYS D 120 30.44 -35.71 -0.61
CA LYS D 120 31.28 -35.10 0.41
C LYS D 120 30.50 -34.86 1.71
N LEU D 121 29.61 -35.79 2.05
CA LEU D 121 28.89 -35.81 3.33
C LEU D 121 28.16 -34.51 3.60
N ARG D 122 27.27 -34.18 2.68
CA ARG D 122 26.31 -33.10 2.84
C ARG D 122 24.92 -33.62 2.53
N PHE D 123 23.93 -32.87 2.98
CA PHE D 123 22.57 -33.10 2.55
C PHE D 123 22.30 -32.32 1.29
N LEU D 124 21.43 -32.83 0.46
CA LEU D 124 20.95 -32.14 -0.72
C LEU D 124 19.56 -31.64 -0.38
N ILE D 125 19.25 -30.39 -0.67
CA ILE D 125 17.98 -29.84 -0.20
C ILE D 125 17.22 -29.21 -1.36
N PHE D 126 15.88 -29.31 -1.31
CA PHE D 126 15.03 -28.94 -2.43
C PHE D 126 14.07 -27.81 -2.03
N PHE D 127 14.53 -26.59 -2.16
CA PHE D 127 13.77 -25.49 -1.60
C PHE D 127 12.41 -25.38 -2.28
N ASP D 128 11.37 -25.03 -1.49
CA ASP D 128 10.00 -24.85 -2.00
C ASP D 128 9.99 -24.17 -3.36
N ASP D 129 10.93 -23.26 -3.58
CA ASP D 129 10.93 -22.44 -4.79
C ASP D 129 11.64 -23.08 -5.98
N GLY D 130 12.09 -24.34 -5.86
CA GLY D 130 12.68 -25.06 -6.96
C GLY D 130 14.20 -25.11 -6.97
N TYR D 131 14.86 -24.32 -6.14
CA TYR D 131 16.31 -24.35 -6.07
C TYR D 131 16.73 -25.54 -5.24
N ALA D 132 17.96 -26.01 -5.49
CA ALA D 132 18.47 -27.20 -4.82
C ALA D 132 19.95 -27.03 -4.50
N SER D 133 20.33 -27.43 -3.29
CA SER D 133 21.70 -27.21 -2.86
C SER D 133 22.07 -28.12 -1.70
N TYR D 134 23.38 -28.17 -1.50
CA TYR D 134 24.03 -29.03 -0.54
C TYR D 134 24.44 -28.25 0.71
N VAL D 135 24.03 -28.73 1.88
CA VAL D 135 24.34 -28.08 3.14
C VAL D 135 24.89 -29.10 4.15
N THR D 136 25.09 -28.66 5.39
CA THR D 136 25.67 -29.45 6.48
C THR D 136 24.63 -29.62 7.60
N GLN D 137 24.90 -30.50 8.57
CA GLN D 137 23.93 -30.73 9.64
C GLN D 137 23.46 -29.40 10.21
N SER D 138 24.42 -28.51 10.48
CA SER D 138 24.23 -27.26 11.22
C SER D 138 23.51 -26.19 10.45
N GLU D 139 23.12 -26.42 9.19
CA GLU D 139 22.44 -25.40 8.41
C GLU D 139 20.97 -25.75 8.24
N LEU D 140 20.46 -26.61 9.14
CA LEU D 140 19.17 -27.28 9.06
C LEU D 140 18.44 -27.17 10.39
N TYR D 141 17.11 -26.99 10.31
CA TYR D 141 16.22 -26.76 11.45
C TYR D 141 14.88 -27.45 11.23
N PRO D 142 14.48 -28.43 12.07
CA PRO D 142 13.36 -29.31 11.70
C PRO D 142 12.01 -28.62 11.84
N ILE D 143 11.14 -28.79 10.86
CA ILE D 143 9.83 -28.17 10.98
C ILE D 143 9.04 -28.97 12.01
N CYS D 144 8.29 -28.23 12.83
CA CYS D 144 7.66 -28.82 13.99
C CYS D 144 6.60 -29.82 13.58
N ARG D 145 5.55 -29.36 12.90
CA ARG D 145 4.44 -30.21 12.51
C ARG D 145 4.41 -30.34 10.99
N PRO D 146 5.17 -31.33 10.41
CA PRO D 146 5.10 -31.55 8.96
C PRO D 146 3.91 -32.41 8.56
N LEU D 147 3.13 -31.94 7.58
CA LEU D 147 1.96 -32.65 7.10
C LEU D 147 2.28 -34.14 6.91
N LYS D 148 1.24 -34.97 6.93
CA LYS D 148 1.41 -36.41 6.68
C LYS D 148 2.21 -36.64 5.38
N LYS D 149 1.72 -36.09 4.26
CA LYS D 149 2.52 -36.01 3.04
C LYS D 149 3.24 -34.68 3.08
N THR D 150 4.52 -34.73 3.43
CA THR D 150 5.27 -33.51 3.72
C THR D 150 5.17 -32.51 2.56
N TRP D 151 5.17 -33.00 1.32
CA TRP D 151 5.07 -32.10 0.17
C TRP D 151 3.75 -31.37 0.07
N GLU D 152 2.76 -31.68 0.91
CA GLU D 152 1.41 -31.24 0.61
C GLU D 152 1.20 -29.75 0.84
N ASP D 153 2.22 -29.04 1.31
CA ASP D 153 2.15 -27.60 1.54
C ASP D 153 3.01 -26.78 0.59
N ILE D 154 3.77 -27.44 -0.29
CA ILE D 154 4.69 -26.70 -1.14
C ILE D 154 3.90 -25.77 -2.07
N GLU D 155 4.10 -24.47 -1.90
CA GLU D 155 3.29 -23.48 -2.61
C GLU D 155 3.22 -23.81 -4.09
N ASP D 156 4.37 -24.01 -4.71
CA ASP D 156 4.38 -24.22 -6.15
C ASP D 156 3.90 -25.62 -6.46
N ILE D 157 3.06 -25.71 -7.49
CA ILE D 157 2.48 -27.00 -7.83
C ILE D 157 3.46 -27.84 -8.62
N SER D 158 4.14 -27.24 -9.60
CA SER D 158 5.26 -27.92 -10.23
C SER D 158 6.16 -28.48 -9.15
N CYS D 159 6.72 -27.60 -8.30
CA CYS D 159 7.61 -28.07 -7.26
C CYS D 159 6.96 -29.17 -6.44
N ARG D 160 5.68 -29.03 -6.09
CA ARG D 160 5.10 -29.97 -5.12
C ARG D 160 4.93 -31.39 -5.68
N ASP D 161 4.53 -31.50 -6.94
CA ASP D 161 4.38 -32.82 -7.55
C ASP D 161 5.74 -33.51 -7.69
N PHE D 162 6.70 -32.79 -8.30
CA PHE D 162 8.05 -33.28 -8.46
C PHE D 162 8.54 -33.94 -7.20
N ILE D 163 8.25 -33.36 -6.04
CA ILE D 163 8.76 -33.93 -4.80
C ILE D 163 7.99 -35.20 -4.45
N GLU D 164 6.69 -35.22 -4.71
CA GLU D 164 5.93 -36.42 -4.39
C GLU D 164 6.54 -37.62 -5.08
N GLU D 165 6.80 -37.45 -6.38
CA GLU D 165 7.34 -38.51 -7.23
C GLU D 165 8.76 -38.87 -6.84
N TYR D 166 9.62 -37.87 -6.64
CA TYR D 166 11.04 -38.09 -6.36
C TYR D 166 11.27 -38.83 -5.04
N VAL D 167 10.52 -38.44 -4.00
CA VAL D 167 10.70 -39.06 -2.69
C VAL D 167 10.20 -40.49 -2.74
N THR D 168 9.06 -40.70 -3.41
CA THR D 168 8.46 -42.01 -3.57
C THR D 168 9.32 -42.91 -4.48
N ALA D 169 9.59 -42.46 -5.71
CA ALA D 169 10.48 -43.20 -6.60
C ALA D 169 11.87 -43.44 -6.00
N TYR D 170 12.28 -42.68 -4.99
CA TYR D 170 13.63 -42.82 -4.45
C TYR D 170 13.81 -44.22 -3.85
N PRO D 171 15.00 -44.82 -3.96
CA PRO D 171 16.26 -44.37 -4.54
C PRO D 171 16.34 -44.52 -6.06
N ASN D 172 15.22 -44.81 -6.71
CA ASN D 172 15.20 -44.69 -8.17
C ASN D 172 15.26 -43.21 -8.56
N ARG D 173 16.30 -42.83 -9.30
CA ARG D 173 16.57 -41.42 -9.65
C ARG D 173 17.17 -41.23 -11.04
N PRO D 174 16.46 -40.62 -11.91
CA PRO D 174 16.99 -40.44 -13.27
C PRO D 174 17.85 -39.22 -13.48
N MET D 175 19.13 -39.37 -13.83
CA MET D 175 19.98 -38.23 -14.06
C MET D 175 20.84 -38.42 -15.28
N VAL D 176 21.47 -37.35 -15.74
CA VAL D 176 22.35 -37.40 -16.90
C VAL D 176 23.79 -37.26 -16.43
N LEU D 177 24.69 -38.09 -16.95
CA LEU D 177 26.08 -37.86 -16.67
C LEU D 177 26.48 -36.67 -17.51
N LEU D 178 27.30 -35.79 -16.92
CA LEU D 178 27.77 -34.59 -17.58
C LEU D 178 29.23 -34.41 -17.24
N LYS D 179 29.96 -33.74 -18.13
CA LYS D 179 31.40 -33.60 -18.00
C LYS D 179 31.77 -32.14 -18.25
N SER D 180 32.66 -31.61 -17.40
CA SER D 180 33.16 -30.25 -17.55
C SER D 180 33.60 -29.99 -18.99
N GLY D 181 33.14 -28.87 -19.56
CA GLY D 181 33.37 -28.51 -20.95
C GLY D 181 32.21 -28.83 -21.88
N GLN D 182 31.50 -29.92 -21.59
CA GLN D 182 30.39 -30.33 -22.43
C GLN D 182 29.48 -29.15 -22.76
N LEU D 183 29.01 -29.11 -24.00
CA LEU D 183 28.05 -28.11 -24.42
C LEU D 183 26.66 -28.74 -24.56
N ILE D 184 25.66 -28.02 -24.05
CA ILE D 184 24.28 -28.47 -24.05
C ILE D 184 23.38 -27.27 -24.28
N LYS D 185 22.08 -27.54 -24.36
CA LYS D 185 21.05 -26.52 -24.26
C LYS D 185 20.50 -26.57 -22.85
N THR D 186 20.09 -25.42 -22.33
CA THR D 186 19.41 -25.41 -21.05
C THR D 186 18.27 -24.42 -21.10
N GLU D 187 17.12 -24.85 -20.59
CA GLU D 187 15.90 -24.04 -20.56
C GLU D 187 16.08 -22.86 -19.62
N TRP D 188 15.41 -21.76 -19.97
CA TRP D 188 15.32 -20.61 -19.06
C TRP D 188 14.15 -19.72 -19.50
N GLU D 189 13.06 -19.79 -18.74
CA GLU D 189 11.84 -19.05 -19.01
C GLU D 189 11.11 -19.58 -20.24
N GLY D 190 11.20 -20.88 -20.51
CA GLY D 190 10.59 -21.47 -21.70
C GLY D 190 11.34 -21.29 -23.02
N THR D 191 12.56 -20.77 -23.00
CA THR D 191 13.42 -20.76 -24.19
C THR D 191 14.67 -21.60 -23.90
N TRP D 192 15.39 -22.07 -24.95
CA TRP D 192 16.56 -22.94 -24.77
C TRP D 192 17.82 -22.23 -25.24
N TRP D 193 18.89 -22.33 -24.45
CA TRP D 193 19.97 -21.37 -24.47
C TRP D 193 21.28 -22.10 -24.62
N LYS D 194 22.10 -21.69 -25.58
CA LYS D 194 23.46 -22.19 -25.61
C LYS D 194 23.98 -22.17 -24.20
N SER D 195 24.54 -23.29 -23.73
CA SER D 195 25.18 -23.31 -22.41
C SER D 195 26.26 -24.37 -22.35
N ARG D 196 27.02 -24.35 -21.25
CA ARG D 196 28.22 -25.19 -21.12
C ARG D 196 28.43 -25.65 -19.68
N VAL D 197 28.84 -26.89 -19.53
CA VAL D 197 29.01 -27.47 -18.21
C VAL D 197 30.33 -26.96 -17.64
N GLU D 198 30.27 -26.26 -16.51
CA GLU D 198 31.45 -25.65 -15.88
C GLU D 198 32.04 -26.52 -14.79
N GLU D 199 31.20 -27.28 -14.10
CA GLU D 199 31.62 -28.05 -12.94
C GLU D 199 30.51 -29.04 -12.64
N VAL D 200 30.86 -30.04 -11.85
CA VAL D 200 29.86 -30.93 -11.27
C VAL D 200 30.13 -31.04 -9.77
N ASP D 201 29.10 -31.38 -9.02
CA ASP D 201 29.28 -31.66 -7.61
C ASP D 201 28.12 -32.59 -7.19
N GLY D 202 28.43 -33.86 -7.01
CA GLY D 202 27.38 -34.78 -6.63
C GLY D 202 26.26 -34.80 -7.63
N SER D 203 25.08 -34.36 -7.20
CA SER D 203 23.87 -34.44 -8.01
C SER D 203 23.53 -33.10 -8.66
N LEU D 204 24.51 -32.20 -8.74
CA LEU D 204 24.32 -30.86 -9.25
C LEU D 204 25.37 -30.53 -10.30
N VAL D 205 25.03 -29.58 -11.15
CA VAL D 205 25.89 -29.21 -12.25
C VAL D 205 25.85 -27.69 -12.40
N ARG D 206 27.01 -27.07 -12.44
CA ARG D 206 27.06 -25.64 -12.64
C ARG D 206 27.05 -25.39 -14.13
N ILE D 207 25.94 -24.94 -14.60
CA ILE D 207 25.73 -24.49 -15.97
C ILE D 207 26.14 -23.04 -16.11
N LEU D 208 26.62 -22.71 -17.32
CA LEU D 208 26.96 -21.34 -17.73
C LEU D 208 26.21 -21.03 -19.02
N PHE D 209 25.03 -20.44 -18.88
CA PHE D 209 24.35 -19.82 -20.01
C PHE D 209 25.32 -18.85 -20.69
N LEU D 210 25.51 -19.02 -22.01
CA LEU D 210 26.66 -18.45 -22.73
C LEU D 210 26.37 -17.08 -23.29
N ASP D 211 25.13 -16.88 -23.72
CA ASP D 211 24.72 -15.57 -24.14
C ASP D 211 24.93 -14.59 -22.97
N ASP D 212 24.09 -14.59 -21.91
CA ASP D 212 24.19 -13.53 -20.90
C ASP D 212 24.98 -13.94 -19.65
N LYS D 213 25.88 -14.91 -19.76
CA LYS D 213 26.97 -15.19 -18.80
C LYS D 213 26.54 -15.65 -17.41
N ARG D 214 25.25 -15.79 -17.11
CA ARG D 214 24.81 -16.40 -15.84
C ARG D 214 25.54 -17.73 -15.61
N CYS D 215 25.71 -18.09 -14.33
CA CYS D 215 26.01 -19.44 -13.88
C CYS D 215 24.90 -19.88 -12.95
N GLU D 216 24.49 -21.15 -13.03
CA GLU D 216 23.37 -21.62 -12.24
C GLU D 216 23.69 -23.01 -11.75
N TRP D 217 23.09 -23.40 -10.64
CA TRP D 217 23.22 -24.75 -10.15
C TRP D 217 21.90 -25.44 -10.36
N ILE D 218 21.94 -26.51 -11.17
CA ILE D 218 20.75 -27.26 -11.55
C ILE D 218 20.99 -28.72 -11.21
N TYR D 219 19.89 -29.39 -10.90
CA TYR D 219 19.91 -30.79 -10.54
C TYR D 219 20.16 -31.61 -11.78
N ARG D 220 21.11 -32.54 -11.71
CA ARG D 220 21.35 -33.32 -12.91
C ARG D 220 20.12 -34.11 -13.33
N GLY D 221 19.07 -34.13 -12.50
CA GLY D 221 17.82 -34.80 -12.83
C GLY D 221 16.68 -33.85 -13.22
N SER D 222 17.01 -32.76 -13.91
CA SER D 222 16.09 -31.68 -14.18
C SER D 222 15.85 -31.55 -15.66
N THR D 223 14.56 -31.52 -16.05
CA THR D 223 14.14 -31.41 -17.44
C THR D 223 14.50 -30.07 -18.05
N ARG D 224 15.23 -29.26 -17.35
CA ARG D 224 15.79 -28.07 -17.97
C ARG D 224 17.09 -28.37 -18.69
N LEU D 225 17.63 -29.57 -18.53
CA LEU D 225 18.91 -29.99 -19.13
C LEU D 225 18.57 -30.83 -20.36
N GLU D 226 18.74 -30.25 -21.56
CA GLU D 226 18.28 -30.88 -22.80
C GLU D 226 18.43 -32.41 -22.78
N PRO D 227 19.56 -32.97 -22.37
CA PRO D 227 19.63 -34.43 -22.28
C PRO D 227 18.46 -35.00 -21.48
N MET D 228 18.37 -34.59 -20.22
CA MET D 228 17.41 -35.17 -19.29
C MET D 228 15.99 -35.09 -19.84
N PHE D 229 15.66 -33.96 -20.47
CA PHE D 229 14.37 -33.77 -21.13
C PHE D 229 14.07 -34.92 -22.09
N SER D 230 14.96 -35.09 -23.08
CA SER D 230 14.86 -36.19 -24.05
C SER D 230 14.63 -37.54 -23.36
N MET D 231 15.57 -37.91 -22.50
CA MET D 231 15.53 -39.14 -21.72
C MET D 231 14.15 -39.38 -21.13
N LYS D 232 13.42 -38.30 -20.82
CA LYS D 232 12.08 -38.37 -20.23
C LYS D 232 10.98 -38.47 -21.29
N THR D 233 11.12 -37.75 -22.41
CA THR D 233 10.12 -37.83 -23.49
C THR D 233 10.42 -38.93 -24.52
C13 G09 E . -34.54 -5.67 7.90
C17 G09 E . -33.81 -6.61 10.44
C20 G09 E . -35.03 -4.46 4.27
C21 G09 E . -33.77 -4.59 3.76
C22 G09 E . -32.75 -5.07 4.56
C26 G09 E . -34.39 -4.40 0.34
C28 G09 E . -36.47 -3.38 -0.28
C02 G09 E . -35.80 -11.20 12.12
C03 G09 E . -36.69 -10.29 12.92
C05 G09 E . -38.10 -9.44 14.35
C06 G09 E . -37.72 -8.42 13.50
C07 G09 E . -36.82 -8.98 12.62
C09 G09 E . -35.27 -9.28 10.76
C11 G09 E . -34.77 -7.29 9.43
C12 G09 E . -34.34 -7.04 8.13
C14 G09 E . -33.52 -4.95 8.79
C16 G09 E . -32.70 -4.78 10.81
C18 G09 E . -34.28 -5.28 6.38
C19 G09 E . -35.30 -4.81 5.58
C23 G09 E . -33.01 -5.42 5.87
C25 G09 E . -33.60 -5.12 1.43
C27 G09 E . -35.69 -4.03 0.66
C29 G09 E . -35.93 -3.07 -1.52
C30 G09 E . -34.62 -3.41 -1.84
C31 G09 E . -33.83 -4.08 -0.90
C33 G09 E . -34.27 -11.51 10.25
C34 G09 E . -32.98 -11.78 10.96
C35 G09 E . -32.65 -13.03 11.26
N04 G09 E . -37.47 -10.56 13.97
N08 G09 E . -36.11 -8.38 11.49
N10 G09 E . -34.57 -8.73 9.67
N15 G09 E . -33.68 -5.20 10.19
N32 G09 E . -35.10 -10.65 11.04
O01 G09 E . -35.69 -12.35 12.39
O24 G09 E . -33.51 -4.19 2.46
H131 G09 E . -35.45 -5.42 8.16
H171 G09 E . -32.94 -7.02 10.37
H172 G09 E . -34.16 -6.74 11.33
H201 G09 E . -35.72 -4.13 3.73
H221 G09 E . -31.89 -5.14 4.22
H281 G09 E . -37.35 -3.14 -0.07
H051 G09 E . -38.68 -9.35 15.07
H061 G09 E . -37.98 -7.54 13.54
H111 G09 E . -35.70 -7.02 9.57
H121 G09 E . -34.87 -7.57 7.50
H122 G09 E . -33.40 -7.26 8.05
H142 G09 E . -32.62 -5.23 8.53
H141 G09 E . -33.60 -3.99 8.64
H162 G09 E . -32.62 -3.83 10.64
H161 G09 E . -32.83 -4.94 11.76
H163 G09 E . -31.91 -5.24 10.51
H191 G09 E . -36.15 -4.72 5.92
H231 G09 E . -32.33 -5.73 6.41
H251 G09 E . -34.09 -5.91 1.72
H252 G09 E . -32.72 -5.37 1.11
H271 G09 E . -36.05 -4.25 1.49
H291 G09 E . -36.45 -2.62 -2.15
H301 G09 E . -34.26 -3.20 -2.67
H311 G09 E . -32.95 -4.32 -1.11
H332 G09 E . -34.09 -11.08 9.40
H331 G09 E . -34.73 -12.35 10.09
H1 G09 E . -32.41 -11.07 11.18
H2 G09 E . -31.85 -13.21 11.70
H351 G09 E . -33.23 -13.72 11.02
H041 G09 E . -37.55 -11.33 14.34
H101 G09 E . -34.05 -9.20 9.18
C13 G09 F . 6.04 17.05 -9.33
C17 G09 F . 5.32 19.53 -10.52
C20 G09 F . 6.25 13.42 -8.02
C21 G09 F . 5.27 12.79 -8.78
C22 G09 F . 4.56 13.54 -9.69
C26 G09 F . 5.30 9.22 -7.48
C28 G09 F . 5.28 6.85 -8.02
C02 G09 F . 7.83 21.55 -14.85
C03 G09 F . 8.43 22.48 -13.86
C05 G09 F . 9.42 24.14 -12.81
C06 G09 F . 9.01 23.23 -11.85
C07 G09 F . 8.39 22.20 -12.53
C09 G09 F . 7.16 20.06 -13.05
C11 G09 F . 6.49 18.63 -11.03
C12 G09 F . 6.18 17.27 -10.75
C14 G09 F . 4.85 17.89 -8.78
C16 G09 F . 4.00 19.93 -8.80
C18 G09 F . 5.81 15.51 -9.11
C19 G09 F . 6.52 14.77 -8.18
C23 G09 F . 4.83 14.89 -9.86
C25 G09 F . 5.78 10.67 -7.80
C27 G09 F . 5.66 8.15 -8.32
C29 G09 F . 4.55 6.61 -6.86
C30 G09 F . 4.18 7.65 -6.02
C31 G09 F . 4.57 8.94 -6.33
C33 G09 F . 6.62 19.46 -15.44
C34 G09 F . 7.22 18.04 -15.33
C35 G09 F . 6.56 16.94 -15.74
N04 G09 F . 9.06 23.67 -14.01
N08 G09 F . 7.74 20.97 -12.09
N10 G09 F . 6.54 18.86 -12.51
N15 G09 F . 4.99 19.28 -9.12
N32 G09 F . 7.20 20.35 -14.45
O01 G09 F . 7.91 21.86 -15.98
O24 G09 F . 4.95 11.43 -8.65
H131 G09 F . 6.87 17.32 -8.88
H171 G09 F . 4.53 19.36 -11.06
H172 G09 F . 5.58 20.46 -10.61
H201 G09 F . 6.74 12.92 -7.40
H221 G09 F . 3.90 13.14 -10.21
H281 G09 F . 5.51 6.15 -8.58
H051 G09 F . 9.88 24.93 -12.65
H061 G09 F . 9.12 23.30 -10.92
H111 G09 F . 7.32 18.88 -10.60
H121 G09 F . 6.90 16.71 -11.09
H122 G09 F . 5.34 17.04 -11.19
H142 G09 F . 4.02 17.55 -9.15
H141 G09 F . 4.82 17.80 -7.81
H162 G09 F . 4.13 20.86 -9.03
H161 G09 F . 3.85 19.84 -7.85
H163 G09 F . 3.22 19.58 -9.28
H191 G09 F . 7.18 15.19 -7.67
H231 G09 F . 4.35 15.38 -10.47
H251 G09 F . 5.85 11.15 -6.96
H252 G09 F . 6.66 10.63 -8.20
H271 G09 F . 6.16 8.32 -9.09
H291 G09 F . 4.27 5.74 -6.68
H301 G09 F . 3.69 7.48 -5.25
H311 G09 F . 4.34 9.63 -5.76
H332 G09 F . 6.79 19.80 -16.33
H331 G09 F . 5.66 19.41 -15.30
H1 G09 F . 8.07 17.94 -14.96
H2 G09 F . 5.71 17.02 -16.10
H351 G09 F . 6.95 16.10 -15.65
H041 G09 F . 9.22 24.05 -14.77
H101 G09 F . 6.18 18.31 -13.05
C13 G09 G . 8.79 10.61 -11.28
C17 G09 G . 8.40 8.05 -12.39
C20 G09 G . 10.03 13.98 -9.82
C21 G09 G . 9.84 14.89 -10.84
C22 G09 G . 9.29 14.43 -12.04
C26 G09 G . 11.07 18.44 -11.09
C28 G09 G . 10.66 20.59 -10.08
C02 G09 G . 3.45 6.29 -13.78
C03 G09 G . 3.69 5.36 -12.60
C05 G09 G . 3.64 3.74 -11.08
C06 G09 G . 4.66 4.60 -10.74
C07 G09 G . 4.68 5.59 -11.69
C09 G09 G . 5.32 7.67 -12.99
C11 G09 G . 7.24 9.00 -12.04
C12 G09 G . 7.64 10.36 -12.11
C14 G09 G . 9.93 9.79 -11.90
C16 G09 G . 10.53 7.71 -12.07
C18 G09 G . 9.15 12.16 -11.16
C19 G09 G . 9.70 12.63 -9.97
C23 G09 G . 8.95 13.07 -12.19
C25 G09 G . 10.51 17.12 -11.71
C27 G09 G . 10.20 19.42 -10.66
C29 G09 G . 12.02 20.78 -9.89
C30 G09 G . 12.91 19.80 -10.30
C31 G09 G . 12.44 18.63 -10.90
C33 G09 G . 4.08 8.36 -15.09
C34 G09 G . 4.35 7.67 -16.45
C35 G09 G . 3.91 8.16 -17.60
N04 G09 G . 3.06 4.22 -12.20
N08 G09 G . 5.53 6.78 -11.86
N10 G09 G . 6.18 8.81 -13.09
N15 G09 G . 9.61 8.42 -11.70
N32 G09 G . 4.28 7.45 -13.97
O01 G09 G . 2.58 6.05 -14.55
O24 G09 G . 10.21 16.24 -10.61
H131 G09 G . 8.60 10.27 -10.40
H171 G09 G . 8.56 8.09 -13.35
H172 G09 G . 8.16 7.15 -12.14
H201 G09 G . 10.40 14.27 -9.01
H221 G09 G . 9.15 15.02 -12.75
H281 G09 G . 10.06 21.25 -9.80
H051 G09 G . 3.39 2.97 -10.61
H061 G09 G . 5.23 4.52 -10.00
H111 G09 G . 6.89 8.80 -11.15
H121 G09 G . 6.91 10.92 -11.83
H122 G09 G . 7.86 10.56 -13.04
H142 G09 G . 9.99 9.98 -12.84
H141 G09 G . 10.76 10.00 -11.45
H162 G09 G . 11.33 7.95 -11.58
H161 G09 G . 10.68 7.85 -13.02
H163 G09 G . 10.31 6.78 -11.91
H191 G09 G . 9.84 12.05 -9.26
H231 G09 G . 8.59 12.77 -12.99
H251 G09 G . 9.71 17.31 -12.22
H252 G09 G . 11.18 16.71 -12.28
H271 G09 G . 9.28 19.30 -10.77
H291 G09 G . 12.33 21.57 -9.51
H301 G09 G . 13.82 19.92 -10.19
H311 G09 G . 13.04 17.98 -11.16
H332 G09 G . 4.67 9.12 -15.00
H331 G09 G . 3.15 8.67 -15.09
H1 G09 G . 4.84 6.88 -16.45
H2 G09 G . 3.41 8.95 -17.61
H351 G09 G . 4.10 7.72 -18.40
H041 G09 G . 2.41 3.85 -12.61
H101 G09 G . 6.10 9.37 -13.73
C13 G09 H . 15.32 -17.51 -2.51
C17 G09 H . 17.02 -19.69 -3.36
C20 G09 H . 13.87 -14.40 -0.82
C21 G09 H . 14.81 -14.02 0.13
C22 G09 H . 15.96 -14.78 0.25
C26 G09 H . 13.40 -10.83 1.27
C28 G09 H . 12.56 -8.59 1.55
C02 G09 H . 18.74 -19.36 -8.61
C03 G09 H . 17.53 -20.20 -8.84
C05 G09 H . 16.01 -21.52 -9.65
C06 G09 H . 15.61 -21.16 -8.38
C07 G09 H . 16.58 -20.33 -7.89
C09 G09 H . 17.87 -18.79 -6.39
C11 G09 H . 16.71 -18.44 -4.22
C12 G09 H . 16.44 -17.30 -3.42
C14 G09 H . 15.41 -18.86 -1.72
C16 G09 H . 16.25 -20.88 -1.69
C18 G09 H . 15.22 -16.25 -1.52
C19 G09 H . 14.08 -15.49 -1.63
C23 G09 H . 16.16 -15.89 -0.57
C25 G09 H . 13.44 -12.17 0.55
C27 G09 H . 12.55 -9.81 0.87
C29 G09 H . 13.45 -8.41 2.62
C30 G09 H . 14.29 -9.44 3.00
C31 G09 H . 14.27 -10.65 2.32
C33 G09 H . 20.11 -17.83 -7.19
C34 G09 H . 21.36 -18.54 -7.81
C35 G09 H . 21.84 -18.38 -9.06
N04 G09 H . 17.19 -20.94 -9.91
N08 G09 H . 16.72 -19.63 -6.60
N10 G09 H . 17.91 -18.15 -5.11
N15 G09 H . 15.91 -19.99 -2.47
N32 G09 H . 18.90 -18.64 -7.39
O01 G09 H . 19.50 -19.33 -9.52
O24 G09 H . 14.59 -12.89 0.95
H131 G09 H . 14.52 -17.54 -3.05
H171 G09 H . 17.81 -19.52 -2.84
H172 G09 H . 17.16 -20.45 -3.95
H201 G09 H . 13.09 -13.91 -0.91
H221 G09 H . 16.61 -14.54 0.89
H281 G09 H . 12.00 -7.90 1.29
H051 G09 H . 15.55 -22.10 -10.22
H061 G09 H . 14.82 -21.42 -7.95
H111 G09 H . 15.93 -18.62 -4.77
H121 G09 H . 16.23 -16.55 -4.00
H122 G09 H . 17.23 -17.08 -2.91
H142 G09 H . 14.52 -19.08 -1.41
H141 G09 H . 15.99 -18.73 -0.97
H162 G09 H . 15.48 -21.14 -1.15
H161 G09 H . 16.96 -20.56 -1.12
H163 G09 H . 16.56 -21.64 -2.20
H191 G09 H . 13.43 -15.72 -2.26
H231 G09 H . 16.94 -16.39 -0.47
H251 G09 H . 13.46 -12.01 -0.40
H252 G09 H . 12.63 -12.67 0.78
H271 G09 H . 11.96 -9.93 0.16
H291 G09 H . 13.45 -7.60 3.07
H301 G09 H . 14.87 -9.32 3.71
H311 G09 H . 14.84 -11.33 2.57
H332 G09 H . 20.24 -17.69 -6.25
H331 G09 H . 19.99 -16.97 -7.63
H1 G09 H . 21.82 -19.14 -7.26
H2 G09 H . 22.60 -18.85 -9.33
H351 G09 H . 21.44 -17.80 -9.65
H041 G09 H . 17.64 -21.02 -10.63
H101 G09 H . 18.54 -17.63 -4.86
#